data_7T79
#
_entry.id   7T79
#
_cell.length_a   84.510
_cell.length_b   102.080
_cell.length_c   130.980
_cell.angle_alpha   90.000
_cell.angle_beta   90.000
_cell.angle_gamma   90.000
#
_symmetry.space_group_name_H-M   'P 21 21 21'
#
loop_
_entity.id
_entity.type
_entity.pdbx_description
1 polymer 'Isoform 2 of Hexokinase-4'
2 non-polymer 'diethyl {[3-(3-{[5-(azetidine-1-carbonyl)pyrazin-2-yl]oxy}-5-[(propan-2-yl)oxy]benzamido)-1H-pyrazol-1-yl]methyl}phosphonate'
3 non-polymer alpha-D-glucopyranose
4 water water
#
_entity_poly.entity_id   1
_entity_poly.type   'polypeptide(L)'
_entity_poly.pdbx_seq_one_letter_code
;MAMDVTRSQAQTALTLVEQILAEFQLQEEDLKKVMRRMQKEMDRGLRLETHEEASVKMLPTYVRSTPEGSEVGDFLSLDL
GGTNFRVMLVKVGEGEEGQWSVKTKHQMYSIPEDAMTGTAEMLFDYISECISDFLDKHQMKHKKLPLGFTFSFPVRHEDI
DKGILLNWTKGFKASGAEGNNVVGLLRDAIKRRGDFEMDVVAMVNDTVATMISCYYEDHQCEVGMIVGTGCNACYMEEMQ
NVELVEGDEGRMCVNTEWGAFGDSGELDEFLLEYDRLVDESSANPGQQLYEKLIGGKYMGELVRLVLLRLVDENLLFHGE
ASEQLRTRGAFETRFVSQVESDTGDRKQIYNILSTLGLRPSTTDCDIVRRACESVSTRAAHMCSAGLAGVINRMRESRSE
DVMRITVGVDGSVYKLHPSFKERFHASVRRLTPSCEITFIESEEGSGRGAALVSAVACKKACMLGQ
;
_entity_poly.pdbx_strand_id   A,B
#
# COMPACT_ATOMS: atom_id res chain seq x y z
N THR A 15 -13.18 -9.91 -56.99
CA THR A 15 -13.92 -11.06 -56.45
C THR A 15 -13.00 -12.04 -55.74
N LEU A 16 -11.78 -12.23 -56.26
CA LEU A 16 -10.78 -13.07 -55.60
C LEU A 16 -10.35 -12.34 -54.29
N VAL A 17 -10.22 -10.97 -54.33
CA VAL A 17 -9.93 -10.07 -53.21
C VAL A 17 -10.95 -10.31 -52.07
N GLU A 18 -12.26 -10.23 -52.39
CA GLU A 18 -13.38 -10.47 -51.47
C GLU A 18 -13.33 -11.86 -50.87
N GLN A 19 -12.95 -12.87 -51.67
CA GLN A 19 -12.86 -14.24 -51.18
C GLN A 19 -11.77 -14.39 -50.11
N ILE A 20 -10.62 -13.71 -50.33
CA ILE A 20 -9.49 -13.68 -49.40
C ILE A 20 -9.92 -12.95 -48.09
N LEU A 21 -10.58 -11.78 -48.22
CA LEU A 21 -11.05 -10.99 -47.07
C LEU A 21 -12.18 -11.66 -46.29
N ALA A 22 -12.95 -12.56 -46.94
CA ALA A 22 -14.04 -13.30 -46.30
C ALA A 22 -13.57 -14.33 -45.26
N GLU A 23 -12.29 -14.71 -45.29
CA GLU A 23 -11.69 -15.65 -44.32
C GLU A 23 -11.71 -15.08 -42.88
N PHE A 24 -11.69 -13.74 -42.76
CA PHE A 24 -11.72 -13.03 -41.47
C PHE A 24 -13.07 -13.14 -40.76
N GLN A 25 -14.16 -13.42 -41.53
CA GLN A 25 -15.52 -13.48 -41.04
C GLN A 25 -15.74 -14.54 -39.98
N LEU A 26 -16.64 -14.26 -39.05
CA LEU A 26 -16.96 -15.17 -37.96
C LEU A 26 -18.46 -15.27 -37.77
N GLN A 27 -18.98 -16.49 -37.59
CA GLN A 27 -20.42 -16.69 -37.39
C GLN A 27 -20.77 -16.54 -35.91
N GLU A 28 -22.05 -16.25 -35.62
CA GLU A 28 -22.57 -16.15 -34.26
C GLU A 28 -22.37 -17.48 -33.52
N GLU A 29 -22.45 -18.60 -34.27
CA GLU A 29 -22.23 -19.95 -33.73
C GLU A 29 -20.78 -20.17 -33.28
N ASP A 30 -19.80 -19.57 -33.97
CA ASP A 30 -18.41 -19.77 -33.56
C ASP A 30 -17.98 -18.73 -32.46
N LEU A 31 -18.62 -17.53 -32.41
CA LEU A 31 -18.39 -16.56 -31.32
C LEU A 31 -18.87 -17.19 -30.00
N LYS A 32 -19.99 -17.97 -30.09
CA LYS A 32 -20.58 -18.68 -28.96
C LYS A 32 -19.63 -19.79 -28.55
N LYS A 33 -18.99 -20.47 -29.54
CA LYS A 33 -18.00 -21.52 -29.27
C LYS A 33 -16.80 -20.93 -28.53
N VAL A 34 -16.32 -19.75 -28.98
CA VAL A 34 -15.19 -19.04 -28.37
C VAL A 34 -15.51 -18.59 -26.93
N MET A 35 -16.71 -18.01 -26.72
CA MET A 35 -17.18 -17.56 -25.42
C MET A 35 -17.23 -18.73 -24.41
N ARG A 36 -17.85 -19.85 -24.79
CA ARG A 36 -17.93 -21.04 -23.93
C ARG A 36 -16.53 -21.67 -23.68
N ARG A 37 -15.61 -21.59 -24.67
CA ARG A 37 -14.23 -22.10 -24.51
C ARG A 37 -13.46 -21.21 -23.55
N MET A 38 -13.66 -19.86 -23.63
CA MET A 38 -13.04 -18.89 -22.73
C MET A 38 -13.54 -19.19 -21.30
N GLN A 39 -14.86 -19.42 -21.14
CA GLN A 39 -15.47 -19.75 -19.86
C GLN A 39 -14.86 -21.00 -19.25
N LYS A 40 -14.56 -22.01 -20.09
CA LYS A 40 -13.92 -23.26 -19.69
C LYS A 40 -12.50 -22.99 -19.23
N GLU A 41 -11.78 -22.14 -19.97
CA GLU A 41 -10.41 -21.76 -19.64
C GLU A 41 -10.30 -20.95 -18.35
N MET A 42 -11.31 -20.11 -18.10
CA MET A 42 -11.41 -19.27 -16.92
C MET A 42 -11.58 -20.13 -15.67
N ASP A 43 -12.47 -21.14 -15.75
CA ASP A 43 -12.71 -22.07 -14.66
C ASP A 43 -11.45 -22.86 -14.34
N ARG A 44 -10.68 -23.22 -15.39
CA ARG A 44 -9.41 -23.92 -15.27
C ARG A 44 -8.33 -23.12 -14.53
N GLY A 45 -8.23 -21.82 -14.84
CA GLY A 45 -7.25 -20.92 -14.22
C GLY A 45 -7.50 -20.69 -12.74
N LEU A 46 -8.76 -20.73 -12.33
CA LEU A 46 -9.16 -20.52 -10.94
C LEU A 46 -8.96 -21.75 -10.05
N ARG A 47 -8.95 -22.97 -10.61
CA ARG A 47 -8.79 -24.22 -9.85
C ARG A 47 -7.33 -24.56 -9.56
N LEU A 48 -7.03 -24.83 -8.30
CA LEU A 48 -5.70 -25.22 -7.85
C LEU A 48 -5.17 -26.41 -8.68
N GLU A 49 -6.04 -27.40 -8.97
CA GLU A 49 -5.72 -28.58 -9.78
C GLU A 49 -5.26 -28.27 -11.21
N THR A 50 -5.93 -27.32 -11.90
CA THR A 50 -5.62 -27.00 -13.31
C THR A 50 -4.88 -25.69 -13.53
N HIS A 51 -4.68 -24.86 -12.48
CA HIS A 51 -4.01 -23.56 -12.59
C HIS A 51 -2.70 -23.56 -13.38
N GLU A 52 -1.76 -24.47 -13.03
CA GLU A 52 -0.43 -24.48 -13.65
C GLU A 52 -0.43 -24.84 -15.14
N GLU A 53 -1.48 -25.56 -15.61
CA GLU A 53 -1.61 -25.99 -17.01
C GLU A 53 -2.46 -25.02 -17.84
N ALA A 54 -3.36 -24.28 -17.16
CA ALA A 54 -4.32 -23.35 -17.74
C ALA A 54 -3.67 -22.21 -18.52
N SER A 55 -4.14 -21.97 -19.76
CA SER A 55 -3.66 -20.88 -20.63
C SER A 55 -4.12 -19.50 -20.09
N VAL A 56 -5.34 -19.42 -19.55
CA VAL A 56 -5.91 -18.19 -18.97
C VAL A 56 -5.65 -18.35 -17.46
N LYS A 57 -4.63 -17.64 -16.96
CA LYS A 57 -4.07 -17.77 -15.60
C LYS A 57 -5.01 -17.31 -14.49
N MET A 58 -5.91 -16.36 -14.76
CA MET A 58 -6.87 -15.92 -13.74
C MET A 58 -6.15 -15.52 -12.43
N LEU A 59 -5.15 -14.65 -12.58
CA LEU A 59 -4.29 -14.21 -11.48
C LEU A 59 -4.97 -13.34 -10.43
N PRO A 60 -4.99 -13.82 -9.16
CA PRO A 60 -5.57 -13.01 -8.06
C PRO A 60 -4.77 -11.73 -7.86
N THR A 61 -5.47 -10.61 -7.65
CA THR A 61 -4.83 -9.29 -7.57
C THR A 61 -4.67 -8.76 -6.17
N TYR A 62 -5.44 -9.29 -5.20
CA TYR A 62 -5.52 -8.89 -3.79
C TYR A 62 -6.31 -7.59 -3.61
N VAL A 63 -6.93 -7.09 -4.70
CA VAL A 63 -7.84 -5.94 -4.67
C VAL A 63 -9.18 -6.52 -4.29
N ARG A 64 -9.69 -6.13 -3.13
CA ARG A 64 -10.94 -6.64 -2.57
C ARG A 64 -12.01 -5.58 -2.57
N SER A 65 -13.30 -5.98 -2.64
CA SER A 65 -14.45 -5.06 -2.56
C SER A 65 -14.30 -4.18 -1.30
N THR A 66 -14.37 -2.87 -1.49
CA THR A 66 -14.12 -1.91 -0.41
C THR A 66 -15.34 -1.14 0.07
N PRO A 67 -15.43 -0.87 1.40
CA PRO A 67 -16.48 0.05 1.88
C PRO A 67 -16.23 1.47 1.33
N GLU A 68 -17.21 2.37 1.49
CA GLU A 68 -17.15 3.76 1.03
C GLU A 68 -15.87 4.52 1.44
N GLY A 69 -15.42 5.38 0.55
CA GLY A 69 -14.26 6.23 0.77
C GLY A 69 -12.90 5.59 0.66
N SER A 70 -11.89 6.48 0.82
CA SER A 70 -10.46 6.21 0.78
C SER A 70 -9.76 7.33 1.56
N GLU A 71 -8.42 7.28 1.70
CA GLU A 71 -7.65 8.38 2.27
C GLU A 71 -7.74 9.58 1.35
N VAL A 72 -7.61 10.75 1.94
CA VAL A 72 -7.60 12.06 1.32
C VAL A 72 -6.10 12.40 1.22
N GLY A 73 -5.71 13.12 0.18
CA GLY A 73 -4.32 13.50 -0.02
C GLY A 73 -3.82 13.43 -1.45
N ASP A 74 -2.49 13.56 -1.58
CA ASP A 74 -1.75 13.52 -2.86
C ASP A 74 -1.19 12.15 -3.10
N PHE A 75 -1.51 11.59 -4.26
CA PHE A 75 -1.06 10.22 -4.61
C PHE A 75 -0.34 10.22 -5.94
N LEU A 76 0.81 9.57 -5.98
CA LEU A 76 1.53 9.47 -7.24
C LEU A 76 1.20 8.17 -7.93
N SER A 77 1.07 8.25 -9.24
CA SER A 77 0.75 7.13 -10.12
C SER A 77 1.82 6.97 -11.25
N LEU A 78 2.25 5.73 -11.49
CA LEU A 78 3.14 5.35 -12.60
C LEU A 78 2.40 4.33 -13.42
N ASP A 79 2.48 4.47 -14.72
CA ASP A 79 1.81 3.55 -15.65
C ASP A 79 2.80 3.11 -16.71
N LEU A 80 3.16 1.81 -16.64
CA LEU A 80 4.08 1.17 -17.58
C LEU A 80 3.38 0.02 -18.27
N GLY A 81 3.43 0.02 -19.60
CA GLY A 81 2.84 -1.02 -20.42
C GLY A 81 2.53 -0.61 -21.83
N ASN A 84 4.70 4.23 -24.42
CA ASN A 84 4.91 5.43 -23.59
C ASN A 84 4.63 5.14 -22.13
N PHE A 85 5.36 5.82 -21.25
CA PHE A 85 5.29 5.71 -19.80
C PHE A 85 4.64 7.02 -19.30
N ARG A 86 3.84 6.94 -18.23
CA ARG A 86 3.13 8.08 -17.69
C ARG A 86 3.28 8.18 -16.20
N VAL A 87 3.55 9.40 -15.73
CA VAL A 87 3.61 9.76 -14.32
C VAL A 87 2.40 10.66 -14.09
N MET A 88 1.65 10.37 -13.03
CA MET A 88 0.45 11.11 -12.72
C MET A 88 0.38 11.53 -11.24
N LEU A 89 -0.07 12.74 -10.96
CA LEU A 89 -0.32 13.20 -9.61
C LEU A 89 -1.85 13.28 -9.45
N VAL A 90 -2.37 12.56 -8.47
CA VAL A 90 -3.80 12.49 -8.21
C VAL A 90 -4.10 13.07 -6.82
N LYS A 91 -4.93 14.10 -6.81
CA LYS A 91 -5.33 14.85 -5.63
C LYS A 91 -6.74 14.43 -5.22
N VAL A 92 -6.81 13.77 -4.06
CA VAL A 92 -8.06 13.26 -3.53
C VAL A 92 -8.47 14.16 -2.36
N GLY A 93 -9.59 14.85 -2.54
CA GLY A 93 -10.13 15.76 -1.54
C GLY A 93 -11.60 15.55 -1.30
N GLU A 94 -12.12 16.21 -0.28
CA GLU A 94 -13.51 16.08 0.19
C GLU A 94 -14.08 17.44 0.50
N GLN A 99 -19.38 15.68 -2.39
CA GLN A 99 -18.57 15.09 -1.33
C GLN A 99 -17.12 14.96 -1.81
N TRP A 100 -16.81 13.91 -2.59
CA TRP A 100 -15.46 13.62 -3.09
C TRP A 100 -15.05 14.39 -4.32
N SER A 101 -13.80 14.86 -4.33
CA SER A 101 -13.14 15.54 -5.45
C SER A 101 -11.83 14.79 -5.83
N VAL A 102 -11.70 14.40 -7.12
CA VAL A 102 -10.49 13.74 -7.66
C VAL A 102 -9.96 14.54 -8.87
N LYS A 103 -8.81 15.19 -8.69
CA LYS A 103 -8.14 16.00 -9.72
C LYS A 103 -6.78 15.35 -10.11
N THR A 104 -6.43 15.37 -11.40
CA THR A 104 -5.18 14.75 -11.88
C THR A 104 -4.31 15.68 -12.71
N LYS A 105 -2.98 15.46 -12.65
CA LYS A 105 -1.91 16.09 -13.46
C LYS A 105 -1.07 14.93 -14.02
N HIS A 106 -0.65 15.04 -15.28
CA HIS A 106 0.14 13.99 -15.89
C HIS A 106 1.29 14.53 -16.77
N GLN A 107 2.21 13.63 -17.12
CA GLN A 107 3.35 13.84 -18.02
C GLN A 107 3.61 12.51 -18.70
N MET A 108 3.83 12.57 -20.02
CA MET A 108 4.14 11.39 -20.86
C MET A 108 5.64 11.35 -21.12
N TYR A 109 6.20 10.15 -21.20
CA TYR A 109 7.62 9.88 -21.42
C TYR A 109 7.78 8.76 -22.41
N SER A 110 8.58 9.01 -23.45
CA SER A 110 8.84 8.00 -24.47
C SER A 110 10.00 7.17 -24.02
N ILE A 111 9.82 5.85 -24.02
CA ILE A 111 10.86 4.92 -23.59
C ILE A 111 11.90 4.72 -24.71
N PRO A 112 13.18 5.08 -24.49
CA PRO A 112 14.21 4.80 -25.52
C PRO A 112 14.49 3.29 -25.61
N GLU A 113 14.82 2.81 -26.84
CA GLU A 113 15.16 1.42 -27.18
C GLU A 113 16.18 0.82 -26.22
N ASP A 114 17.25 1.57 -25.88
CA ASP A 114 18.29 1.17 -24.94
C ASP A 114 17.69 0.72 -23.58
N ALA A 115 16.70 1.48 -23.04
CA ALA A 115 15.99 1.17 -21.78
C ALA A 115 15.07 -0.04 -21.90
N MET A 116 14.74 -0.42 -23.13
CA MET A 116 13.87 -1.57 -23.45
C MET A 116 14.65 -2.87 -23.73
N THR A 117 15.87 -2.72 -24.28
CA THR A 117 16.76 -3.78 -24.76
C THR A 117 17.63 -4.37 -23.66
N GLY A 118 18.05 -3.53 -22.74
CA GLY A 118 18.95 -3.88 -21.65
C GLY A 118 18.36 -4.61 -20.48
N THR A 119 18.85 -4.26 -19.31
CA THR A 119 18.45 -4.87 -18.06
C THR A 119 17.20 -4.21 -17.49
N ALA A 120 16.58 -4.90 -16.53
CA ALA A 120 15.44 -4.45 -15.75
C ALA A 120 15.90 -3.23 -14.95
N GLU A 121 17.18 -3.24 -14.52
CA GLU A 121 17.81 -2.17 -13.75
C GLU A 121 17.85 -0.89 -14.55
N MET A 122 18.29 -0.96 -15.82
CA MET A 122 18.35 0.18 -16.74
C MET A 122 16.95 0.76 -17.00
N LEU A 123 15.94 -0.11 -17.16
CA LEU A 123 14.54 0.27 -17.37
C LEU A 123 14.00 1.06 -16.15
N PHE A 124 14.19 0.51 -14.94
CA PHE A 124 13.72 1.15 -13.72
C PHE A 124 14.55 2.41 -13.37
N ASP A 125 15.79 2.53 -13.90
CA ASP A 125 16.61 3.74 -13.76
C ASP A 125 16.05 4.84 -14.66
N TYR A 126 15.57 4.48 -15.85
CA TYR A 126 14.95 5.49 -16.73
C TYR A 126 13.59 5.95 -16.15
N ILE A 127 12.78 5.02 -15.59
CA ILE A 127 11.50 5.31 -14.91
C ILE A 127 11.76 6.29 -13.73
N SER A 128 12.79 6.00 -12.91
CA SER A 128 13.18 6.85 -11.78
C SER A 128 13.53 8.26 -12.23
N GLU A 129 14.27 8.37 -13.33
CA GLU A 129 14.66 9.65 -13.94
C GLU A 129 13.43 10.45 -14.37
N CYS A 130 12.40 9.76 -14.91
CA CYS A 130 11.16 10.36 -15.34
C CYS A 130 10.38 10.89 -14.15
N ILE A 131 10.35 10.11 -13.05
CA ILE A 131 9.70 10.50 -11.80
C ILE A 131 10.31 11.82 -11.31
N SER A 132 11.67 11.91 -11.23
CA SER A 132 12.38 13.15 -10.86
C SER A 132 11.92 14.33 -11.70
N ASP A 133 11.84 14.14 -13.03
CA ASP A 133 11.42 15.20 -13.95
C ASP A 133 10.02 15.68 -13.59
N PHE A 134 9.08 14.73 -13.39
CA PHE A 134 7.71 15.04 -13.00
C PHE A 134 7.70 15.83 -11.67
N LEU A 135 8.50 15.37 -10.68
CA LEU A 135 8.59 16.02 -9.39
C LEU A 135 9.11 17.45 -9.49
N ASP A 136 10.10 17.71 -10.39
CA ASP A 136 10.64 19.05 -10.60
C ASP A 136 9.65 19.96 -11.31
N LYS A 137 8.95 19.47 -12.32
CA LYS A 137 7.99 20.27 -13.07
C LYS A 137 6.69 20.58 -12.29
N HIS A 138 6.48 19.87 -11.18
CA HIS A 138 5.31 20.07 -10.34
C HIS A 138 5.70 20.60 -8.96
N GLN A 139 6.94 21.12 -8.82
CA GLN A 139 7.52 21.75 -7.63
C GLN A 139 7.31 20.91 -6.36
N MET A 140 7.67 19.61 -6.43
CA MET A 140 7.43 18.70 -5.31
C MET A 140 8.47 17.59 -5.07
N LYS A 141 9.75 17.81 -5.47
CA LYS A 141 10.81 16.79 -5.28
C LYS A 141 11.14 16.50 -3.79
N HIS A 142 10.80 17.44 -2.90
CA HIS A 142 11.04 17.30 -1.46
C HIS A 142 9.94 16.49 -0.72
N LYS A 143 8.79 16.25 -1.38
CA LYS A 143 7.67 15.50 -0.81
C LYS A 143 7.83 13.98 -0.98
N LYS A 144 7.54 13.24 0.11
CA LYS A 144 7.55 11.79 0.12
C LYS A 144 6.05 11.38 0.03
N LEU A 145 5.63 10.92 -1.15
CA LEU A 145 4.27 10.60 -1.44
C LEU A 145 3.98 9.13 -1.57
N PRO A 146 2.73 8.67 -1.28
CA PRO A 146 2.40 7.27 -1.57
C PRO A 146 2.25 7.10 -3.09
N LEU A 147 2.71 5.97 -3.58
CA LEU A 147 2.75 5.68 -5.00
C LEU A 147 2.02 4.41 -5.33
N GLY A 148 1.22 4.49 -6.40
CA GLY A 148 0.52 3.37 -7.02
C GLY A 148 1.19 3.09 -8.36
N PHE A 149 1.43 1.81 -8.64
CA PHE A 149 2.12 1.43 -9.86
C PHE A 149 1.26 0.54 -10.77
N THR A 150 0.86 1.06 -11.94
CA THR A 150 0.17 0.25 -12.94
C THR A 150 1.27 -0.40 -13.77
N PHE A 151 1.30 -1.72 -13.72
CA PHE A 151 2.32 -2.48 -14.42
C PHE A 151 1.55 -3.50 -15.21
N SER A 152 1.41 -3.25 -16.49
CA SER A 152 0.54 -3.94 -17.43
C SER A 152 1.13 -5.21 -18.03
N PHE A 153 1.47 -6.18 -17.17
CA PHE A 153 2.13 -7.46 -17.54
C PHE A 153 1.71 -8.56 -16.58
N PRO A 154 1.66 -9.83 -17.02
CA PRO A 154 1.22 -10.90 -16.08
C PRO A 154 2.10 -10.97 -14.83
N VAL A 155 1.47 -10.80 -13.67
CA VAL A 155 2.17 -10.79 -12.40
C VAL A 155 1.54 -11.76 -11.40
N ARG A 156 2.37 -12.58 -10.70
CA ARG A 156 1.88 -13.45 -9.63
C ARG A 156 2.02 -12.62 -8.36
N HIS A 157 0.89 -12.17 -7.82
CA HIS A 157 0.84 -11.33 -6.63
C HIS A 157 0.84 -12.15 -5.35
N GLU A 158 1.50 -11.62 -4.31
CA GLU A 158 1.52 -12.23 -2.98
C GLU A 158 0.65 -11.33 -2.10
N ASP A 159 0.57 -10.03 -2.49
CA ASP A 159 -0.26 -8.98 -1.89
C ASP A 159 -0.41 -7.84 -2.91
N ILE A 160 -1.11 -6.80 -2.54
CA ILE A 160 -1.37 -5.57 -3.29
C ILE A 160 -0.09 -4.79 -3.62
N ASP A 161 1.02 -4.99 -2.85
CA ASP A 161 2.30 -4.29 -2.98
C ASP A 161 3.46 -5.22 -3.21
N LYS A 162 3.19 -6.44 -3.69
CA LYS A 162 4.25 -7.40 -3.94
C LYS A 162 3.78 -8.37 -5.03
N GLY A 163 4.55 -8.46 -6.10
CA GLY A 163 4.24 -9.34 -7.23
C GLY A 163 5.44 -9.60 -8.10
N ILE A 164 5.57 -10.84 -8.55
CA ILE A 164 6.68 -11.31 -9.41
C ILE A 164 6.25 -11.33 -10.86
N LEU A 165 7.10 -10.82 -11.76
CA LEU A 165 6.81 -10.80 -13.17
C LEU A 165 6.91 -12.23 -13.70
N LEU A 166 5.77 -12.78 -14.15
CA LEU A 166 5.69 -14.12 -14.71
C LEU A 166 6.47 -14.12 -16.02
N ASN A 167 6.11 -13.23 -16.96
CA ASN A 167 6.80 -13.09 -18.24
C ASN A 167 6.40 -11.76 -18.89
N TRP A 168 7.25 -11.24 -19.75
CA TRP A 168 6.97 -10.02 -20.51
C TRP A 168 6.00 -10.36 -21.64
N THR A 169 5.28 -9.34 -22.12
CA THR A 169 4.32 -9.43 -23.24
C THR A 169 4.50 -8.13 -23.99
N LYS A 170 3.83 -7.99 -25.15
CA LYS A 170 3.82 -6.77 -25.98
C LYS A 170 5.21 -6.31 -26.48
N GLY A 171 6.12 -7.27 -26.65
CA GLY A 171 7.46 -6.99 -27.15
C GLY A 171 8.47 -6.46 -26.14
N PHE A 172 8.10 -6.44 -24.85
CA PHE A 172 9.00 -6.02 -23.78
C PHE A 172 10.00 -7.15 -23.56
N LYS A 173 11.28 -6.79 -23.35
CA LYS A 173 12.34 -7.79 -23.23
C LYS A 173 13.50 -7.42 -22.29
N ALA A 174 13.28 -6.54 -21.28
CA ALA A 174 14.36 -6.19 -20.34
C ALA A 174 14.75 -7.41 -19.47
N SER A 175 16.04 -7.75 -19.49
CA SER A 175 16.61 -8.91 -18.78
C SER A 175 16.65 -8.70 -17.27
N GLY A 176 16.50 -9.79 -16.52
CA GLY A 176 16.58 -9.77 -15.07
C GLY A 176 15.31 -9.31 -14.37
N ALA A 177 14.18 -9.37 -15.08
CA ALA A 177 12.91 -8.94 -14.53
C ALA A 177 12.02 -10.13 -14.21
N GLU A 178 11.88 -11.06 -15.16
CA GLU A 178 11.05 -12.26 -14.99
C GLU A 178 11.52 -13.06 -13.79
N GLY A 179 10.57 -13.46 -12.94
CA GLY A 179 10.79 -14.18 -11.70
C GLY A 179 11.11 -13.28 -10.52
N ASN A 180 11.37 -11.98 -10.77
CA ASN A 180 11.66 -11.04 -9.68
C ASN A 180 10.47 -10.18 -9.26
N ASN A 181 10.52 -9.64 -8.02
CA ASN A 181 9.49 -8.76 -7.48
C ASN A 181 9.64 -7.39 -8.14
N VAL A 182 8.64 -7.05 -8.98
CA VAL A 182 8.55 -5.81 -9.75
C VAL A 182 8.60 -4.59 -8.85
N VAL A 183 7.93 -4.67 -7.66
CA VAL A 183 7.93 -3.60 -6.64
C VAL A 183 9.36 -3.37 -6.11
N GLY A 184 10.08 -4.47 -5.85
CA GLY A 184 11.48 -4.47 -5.42
C GLY A 184 12.39 -3.76 -6.41
N LEU A 185 12.24 -4.06 -7.72
CA LEU A 185 12.97 -3.43 -8.84
C LEU A 185 12.79 -1.91 -8.91
N LEU A 186 11.55 -1.44 -8.70
CA LEU A 186 11.21 -0.02 -8.67
C LEU A 186 11.81 0.66 -7.41
N ARG A 187 11.63 0.04 -6.23
CA ARG A 187 12.17 0.55 -4.98
C ARG A 187 13.70 0.71 -5.03
N ASP A 188 14.41 -0.32 -5.56
CA ASP A 188 15.87 -0.34 -5.75
C ASP A 188 16.35 0.80 -6.62
N ALA A 189 15.65 1.07 -7.71
CA ALA A 189 16.00 2.13 -8.65
C ALA A 189 15.79 3.49 -8.04
N ILE A 190 14.76 3.63 -7.16
CA ILE A 190 14.46 4.87 -6.45
C ILE A 190 15.60 5.14 -5.45
N LYS A 191 16.01 4.09 -4.70
CA LYS A 191 17.12 4.13 -3.74
C LYS A 191 18.46 4.43 -4.47
N ARG A 192 18.78 3.69 -5.55
CA ARG A 192 20.01 3.97 -6.33
C ARG A 192 20.10 5.41 -6.75
N ARG A 193 18.98 5.99 -7.20
CA ARG A 193 18.95 7.37 -7.62
C ARG A 193 19.17 8.38 -6.47
N GLY A 194 18.53 8.16 -5.31
CA GLY A 194 18.63 9.02 -4.13
C GLY A 194 18.20 10.45 -4.33
N ASP A 195 17.35 10.73 -5.31
CA ASP A 195 16.91 12.10 -5.65
C ASP A 195 15.55 12.51 -5.00
N PHE A 196 14.75 11.50 -4.66
CA PHE A 196 13.43 11.66 -4.08
C PHE A 196 13.10 10.38 -3.30
N GLU A 197 11.97 10.40 -2.59
CA GLU A 197 11.48 9.27 -1.81
C GLU A 197 10.01 9.10 -2.12
N MET A 198 9.56 7.85 -2.17
CA MET A 198 8.16 7.50 -2.45
C MET A 198 7.83 6.24 -1.71
N ASP A 199 6.61 6.13 -1.14
CA ASP A 199 6.18 4.86 -0.53
C ASP A 199 5.40 4.09 -1.58
N VAL A 200 5.95 2.98 -2.09
CA VAL A 200 5.24 2.15 -3.09
C VAL A 200 4.24 1.32 -2.32
N VAL A 201 3.00 1.72 -2.42
CA VAL A 201 1.85 1.18 -1.68
C VAL A 201 1.06 0.12 -2.45
N ALA A 202 1.03 0.19 -3.80
CA ALA A 202 0.25 -0.76 -4.58
C ALA A 202 0.80 -0.95 -5.97
N MET A 203 0.61 -2.16 -6.52
CA MET A 203 0.94 -2.50 -7.86
C MET A 203 -0.22 -3.24 -8.46
N VAL A 204 -0.73 -2.70 -9.58
CA VAL A 204 -1.90 -3.28 -10.21
C VAL A 204 -1.71 -3.42 -11.70
N ASN A 205 -2.55 -4.28 -12.30
CA ASN A 205 -2.62 -4.38 -13.74
C ASN A 205 -3.46 -3.17 -14.23
N ASP A 206 -3.30 -2.75 -15.49
CA ASP A 206 -4.05 -1.64 -16.11
C ASP A 206 -5.55 -1.90 -16.19
N THR A 207 -5.96 -3.19 -16.30
CA THR A 207 -7.37 -3.56 -16.32
C THR A 207 -8.00 -3.20 -14.97
N VAL A 208 -7.26 -3.53 -13.88
CA VAL A 208 -7.62 -3.32 -12.47
C VAL A 208 -7.70 -1.83 -12.18
N ALA A 209 -6.67 -1.06 -12.60
CA ALA A 209 -6.64 0.39 -12.44
C ALA A 209 -7.85 1.03 -13.17
N THR A 210 -8.16 0.57 -14.40
CA THR A 210 -9.30 1.06 -15.18
C THR A 210 -10.64 0.77 -14.45
N MET A 211 -10.81 -0.43 -13.92
CA MET A 211 -12.00 -0.79 -13.19
C MET A 211 -12.21 0.10 -11.95
N ILE A 212 -11.13 0.34 -11.18
CA ILE A 212 -11.11 1.14 -9.98
C ILE A 212 -11.41 2.61 -10.31
N SER A 213 -10.82 3.12 -11.37
CA SER A 213 -11.07 4.50 -11.80
C SER A 213 -12.54 4.73 -12.21
N CYS A 214 -13.17 3.75 -12.89
CA CYS A 214 -14.55 3.86 -13.35
C CYS A 214 -15.52 3.58 -12.20
N TYR A 215 -15.09 2.73 -11.21
CA TYR A 215 -15.88 2.44 -10.02
C TYR A 215 -16.09 3.70 -9.22
N TYR A 216 -15.06 4.58 -9.17
CA TYR A 216 -15.18 5.84 -8.46
C TYR A 216 -16.43 6.62 -8.92
N GLU A 217 -16.75 6.55 -10.21
CA GLU A 217 -17.89 7.22 -10.81
C GLU A 217 -19.14 6.36 -10.96
N ASP A 218 -19.00 5.03 -10.97
CA ASP A 218 -20.12 4.11 -11.10
C ASP A 218 -19.82 2.84 -10.28
N HIS A 219 -20.56 2.65 -9.19
CA HIS A 219 -20.37 1.52 -8.28
C HIS A 219 -20.74 0.19 -8.86
N GLN A 220 -21.36 0.18 -10.04
CA GLN A 220 -21.72 -1.06 -10.71
C GLN A 220 -20.58 -1.57 -11.58
N CYS A 221 -19.48 -0.78 -11.68
CA CYS A 221 -18.30 -1.19 -12.43
C CYS A 221 -17.51 -2.25 -11.69
N GLU A 222 -17.58 -3.48 -12.18
CA GLU A 222 -16.91 -4.62 -11.56
C GLU A 222 -16.12 -5.40 -12.58
N VAL A 223 -15.92 -4.79 -13.78
CA VAL A 223 -15.13 -5.33 -14.91
C VAL A 223 -14.31 -4.20 -15.48
N GLY A 224 -13.02 -4.48 -15.72
CA GLY A 224 -12.06 -3.56 -16.31
C GLY A 224 -11.52 -4.24 -17.55
N MET A 225 -11.42 -3.51 -18.64
CA MET A 225 -10.96 -4.10 -19.88
C MET A 225 -10.03 -3.14 -20.61
N ILE A 226 -9.00 -3.71 -21.27
CA ILE A 226 -8.06 -2.93 -22.08
C ILE A 226 -8.10 -3.44 -23.49
N VAL A 227 -8.22 -2.50 -24.43
CA VAL A 227 -8.12 -2.74 -25.87
C VAL A 227 -7.18 -1.68 -26.40
N GLY A 228 -5.89 -1.89 -26.14
CA GLY A 228 -4.83 -0.99 -26.57
C GLY A 228 -3.81 -1.75 -27.39
N THR A 229 -2.53 -1.57 -27.06
CA THR A 229 -1.38 -2.29 -27.65
C THR A 229 -1.64 -3.82 -27.41
N GLY A 230 -2.12 -4.14 -26.22
CA GLY A 230 -2.50 -5.47 -25.81
C GLY A 230 -3.98 -5.50 -25.45
N CYS A 231 -4.48 -6.68 -25.13
CA CYS A 231 -5.86 -6.84 -24.80
C CYS A 231 -5.99 -7.73 -23.58
N ASN A 232 -6.78 -7.29 -22.60
CA ASN A 232 -7.00 -8.04 -21.35
C ASN A 232 -8.26 -7.57 -20.63
N ALA A 233 -8.69 -8.32 -19.62
CA ALA A 233 -9.80 -8.02 -18.76
C ALA A 233 -9.58 -8.53 -17.32
N CYS A 234 -10.26 -7.90 -16.35
CA CYS A 234 -10.26 -8.29 -14.94
C CYS A 234 -11.70 -8.17 -14.51
N TYR A 235 -12.09 -8.82 -13.40
CA TYR A 235 -13.45 -8.74 -12.93
C TYR A 235 -13.48 -9.12 -11.47
N MET A 236 -14.56 -8.74 -10.76
CA MET A 236 -14.74 -9.10 -9.35
C MET A 236 -15.32 -10.52 -9.22
N GLU A 237 -14.47 -11.45 -8.80
CA GLU A 237 -14.80 -12.86 -8.58
C GLU A 237 -15.15 -13.14 -7.11
N GLU A 238 -16.10 -14.07 -6.90
CA GLU A 238 -16.48 -14.54 -5.57
C GLU A 238 -15.23 -15.24 -4.97
N MET A 239 -14.88 -14.87 -3.75
CA MET A 239 -13.72 -15.42 -3.04
C MET A 239 -13.73 -16.95 -2.98
N GLN A 240 -14.93 -17.55 -2.87
CA GLN A 240 -15.19 -18.99 -2.83
C GLN A 240 -14.64 -19.65 -4.08
N ASN A 241 -14.72 -18.95 -5.26
CA ASN A 241 -14.22 -19.42 -6.56
C ASN A 241 -12.71 -19.27 -6.77
N VAL A 242 -12.05 -18.41 -5.97
CA VAL A 242 -10.61 -18.15 -6.07
C VAL A 242 -9.83 -19.12 -5.16
N GLU A 243 -9.52 -20.32 -5.68
CA GLU A 243 -8.83 -21.41 -4.98
C GLU A 243 -7.37 -21.13 -4.64
N LEU A 244 -6.73 -20.22 -5.38
CA LEU A 244 -5.33 -19.83 -5.13
C LEU A 244 -5.21 -18.84 -3.97
N VAL A 245 -6.34 -18.47 -3.38
CA VAL A 245 -6.41 -17.51 -2.29
C VAL A 245 -7.20 -18.07 -1.11
N GLU A 246 -6.77 -17.72 0.11
CA GLU A 246 -7.43 -18.14 1.34
C GLU A 246 -8.69 -17.30 1.55
N GLY A 247 -9.78 -17.94 1.93
CA GLY A 247 -11.01 -17.24 2.26
C GLY A 247 -12.20 -17.54 1.39
N ASP A 248 -13.42 -17.30 1.96
CA ASP A 248 -14.72 -17.55 1.33
C ASP A 248 -15.68 -16.35 1.38
N GLU A 249 -15.35 -15.28 2.13
CA GLU A 249 -16.21 -14.10 2.22
C GLU A 249 -15.78 -12.97 1.25
N GLY A 250 -16.77 -12.31 0.68
CA GLY A 250 -16.57 -11.20 -0.24
C GLY A 250 -16.08 -11.55 -1.64
N ARG A 251 -15.52 -10.55 -2.28
CA ARG A 251 -15.02 -10.66 -3.65
C ARG A 251 -13.60 -10.15 -3.78
N MET A 252 -12.89 -10.68 -4.76
CA MET A 252 -11.56 -10.20 -5.09
C MET A 252 -11.53 -10.04 -6.60
N CYS A 253 -10.73 -9.08 -7.06
CA CYS A 253 -10.51 -8.88 -8.46
C CYS A 253 -9.50 -9.92 -8.94
N VAL A 254 -9.77 -10.47 -10.12
CA VAL A 254 -8.95 -11.47 -10.80
C VAL A 254 -8.53 -10.88 -12.14
N ASN A 255 -7.22 -10.92 -12.45
CA ASN A 255 -6.66 -10.48 -13.73
C ASN A 255 -6.64 -11.74 -14.60
N THR A 256 -7.59 -11.83 -15.57
CA THR A 256 -7.74 -13.03 -16.41
C THR A 256 -6.50 -13.38 -17.18
N GLU A 257 -5.82 -12.36 -17.74
CA GLU A 257 -4.67 -12.49 -18.63
C GLU A 257 -5.12 -13.28 -19.87
N TRP A 258 -6.37 -13.00 -20.30
CA TRP A 258 -7.06 -13.67 -21.42
C TRP A 258 -6.33 -13.51 -22.79
N GLY A 259 -5.34 -12.63 -22.88
CA GLY A 259 -4.53 -12.46 -24.09
C GLY A 259 -3.89 -13.77 -24.50
N ALA A 260 -3.50 -14.59 -23.50
CA ALA A 260 -2.90 -15.92 -23.61
C ALA A 260 -3.95 -17.02 -23.95
N PHE A 261 -5.24 -16.66 -24.06
CA PHE A 261 -6.27 -17.62 -24.50
C PHE A 261 -5.86 -18.06 -25.92
N GLY A 262 -6.01 -19.34 -26.20
CA GLY A 262 -5.59 -19.93 -27.46
C GLY A 262 -4.19 -20.52 -27.44
N ASP A 263 -3.43 -20.35 -26.35
CA ASP A 263 -2.05 -20.85 -26.23
C ASP A 263 -1.96 -22.37 -26.04
N SER A 264 -3.06 -23.01 -25.61
CA SER A 264 -3.10 -24.46 -25.49
C SER A 264 -3.99 -25.04 -26.63
N GLY A 265 -3.99 -24.34 -27.78
CA GLY A 265 -4.70 -24.71 -29.00
C GLY A 265 -6.19 -24.43 -29.09
N GLU A 266 -6.76 -23.70 -28.11
CA GLU A 266 -8.19 -23.34 -28.03
C GLU A 266 -8.75 -22.54 -29.23
N LEU A 267 -7.87 -21.92 -30.04
CA LEU A 267 -8.31 -21.10 -31.19
C LEU A 267 -7.85 -21.60 -32.56
N ASP A 268 -7.19 -22.76 -32.60
CA ASP A 268 -6.60 -23.40 -33.79
C ASP A 268 -7.51 -23.44 -35.04
N GLU A 269 -8.84 -23.65 -34.86
CA GLU A 269 -9.78 -23.68 -35.99
C GLU A 269 -10.08 -22.29 -36.58
N PHE A 270 -9.60 -21.22 -35.92
CA PHE A 270 -9.88 -19.85 -36.33
C PHE A 270 -8.67 -19.12 -36.87
N LEU A 271 -7.46 -19.62 -36.52
CA LEU A 271 -6.22 -18.99 -36.96
C LEU A 271 -5.99 -19.07 -38.47
N LEU A 272 -5.60 -17.92 -39.05
CA LEU A 272 -5.31 -17.76 -40.48
C LEU A 272 -3.79 -17.68 -40.65
N GLU A 273 -3.31 -17.73 -41.91
CA GLU A 273 -1.89 -17.69 -42.26
C GLU A 273 -1.21 -16.45 -41.69
N TYR A 274 -1.91 -15.31 -41.74
CA TYR A 274 -1.44 -14.00 -41.27
C TYR A 274 -1.22 -14.02 -39.76
N ASP A 275 -2.07 -14.75 -39.01
CA ASP A 275 -1.98 -14.93 -37.56
C ASP A 275 -0.76 -15.75 -37.18
N ARG A 276 -0.52 -16.88 -37.89
CA ARG A 276 0.65 -17.73 -37.65
C ARG A 276 1.94 -16.98 -38.03
N LEU A 277 1.89 -16.13 -39.08
CA LEU A 277 3.04 -15.32 -39.49
C LEU A 277 3.43 -14.27 -38.45
N VAL A 278 2.42 -13.54 -37.91
CA VAL A 278 2.59 -12.52 -36.85
C VAL A 278 3.17 -13.22 -35.63
N ASP A 279 2.59 -14.36 -35.23
CA ASP A 279 3.08 -15.14 -34.11
C ASP A 279 4.55 -15.59 -34.26
N GLU A 280 4.89 -16.25 -35.40
CA GLU A 280 6.25 -16.74 -35.69
C GLU A 280 7.32 -15.67 -35.60
N SER A 281 7.00 -14.47 -36.07
CA SER A 281 7.92 -13.33 -36.11
C SER A 281 7.83 -12.40 -34.88
N SER A 282 6.96 -12.74 -33.90
CA SER A 282 6.83 -11.95 -32.68
C SER A 282 7.97 -12.23 -31.67
N ALA A 283 8.03 -11.44 -30.60
CA ALA A 283 9.00 -11.53 -29.51
C ALA A 283 8.63 -12.69 -28.57
N ASN A 284 7.39 -13.20 -28.68
CA ASN A 284 6.85 -14.26 -27.83
C ASN A 284 6.08 -15.29 -28.67
N PRO A 285 6.77 -16.02 -29.61
CA PRO A 285 6.04 -17.01 -30.42
C PRO A 285 5.34 -18.08 -29.59
N GLY A 286 4.09 -18.33 -29.92
CA GLY A 286 3.24 -19.30 -29.23
C GLY A 286 2.53 -18.72 -28.02
N GLN A 287 2.82 -17.44 -27.69
CA GLN A 287 2.20 -16.79 -26.53
C GLN A 287 1.29 -15.65 -26.94
N GLN A 288 0.27 -15.34 -26.10
CA GLN A 288 -0.65 -14.22 -26.29
C GLN A 288 -1.38 -14.28 -27.65
N LEU A 289 -1.88 -15.47 -28.02
CA LEU A 289 -2.49 -15.72 -29.32
C LEU A 289 -3.81 -14.99 -29.54
N TYR A 290 -4.70 -14.99 -28.52
CA TYR A 290 -5.98 -14.27 -28.53
C TYR A 290 -5.69 -12.79 -28.68
N GLU A 291 -4.74 -12.28 -27.90
CA GLU A 291 -4.28 -10.89 -27.95
C GLU A 291 -3.80 -10.53 -29.34
N LYS A 292 -3.04 -11.47 -29.98
CA LYS A 292 -2.48 -11.26 -31.30
C LYS A 292 -3.53 -11.08 -32.41
N LEU A 293 -4.79 -11.46 -32.13
CA LEU A 293 -5.95 -11.27 -33.01
C LEU A 293 -6.61 -9.91 -32.81
N ILE A 294 -6.42 -9.27 -31.62
CA ILE A 294 -7.11 -8.03 -31.24
C ILE A 294 -6.20 -6.80 -31.09
N GLY A 295 -5.13 -6.92 -30.28
CA GLY A 295 -4.21 -5.84 -29.92
C GLY A 295 -3.65 -4.98 -31.03
N GLY A 296 -3.52 -3.69 -30.72
CA GLY A 296 -2.94 -2.67 -31.57
C GLY A 296 -1.47 -2.89 -31.88
N LYS A 297 -0.77 -3.71 -31.07
CA LYS A 297 0.62 -4.03 -31.37
C LYS A 297 0.65 -4.89 -32.68
N TYR A 298 -0.38 -5.73 -32.88
CA TYR A 298 -0.49 -6.70 -33.95
C TYR A 298 -1.40 -6.31 -35.11
N MET A 299 -2.51 -5.59 -34.85
CA MET A 299 -3.49 -5.22 -35.85
C MET A 299 -2.91 -4.69 -37.17
N GLY A 300 -2.02 -3.71 -37.10
CA GLY A 300 -1.41 -3.12 -38.28
C GLY A 300 -0.60 -4.10 -39.09
N GLU A 301 0.10 -5.01 -38.38
CA GLU A 301 0.95 -6.04 -38.94
C GLU A 301 0.11 -7.08 -39.68
N LEU A 302 -1.08 -7.45 -39.15
CA LEU A 302 -2.00 -8.36 -39.83
C LEU A 302 -2.42 -7.78 -41.17
N VAL A 303 -2.67 -6.46 -41.23
CA VAL A 303 -3.06 -5.72 -42.42
C VAL A 303 -1.93 -5.74 -43.44
N ARG A 304 -0.71 -5.45 -43.00
CA ARG A 304 0.48 -5.44 -43.86
C ARG A 304 0.69 -6.82 -44.54
N LEU A 305 0.41 -7.90 -43.81
CA LEU A 305 0.53 -9.26 -44.30
C LEU A 305 -0.58 -9.64 -45.27
N VAL A 306 -1.80 -9.10 -45.07
CA VAL A 306 -2.94 -9.30 -45.96
C VAL A 306 -2.65 -8.54 -47.26
N LEU A 307 -2.12 -7.30 -47.15
CA LEU A 307 -1.76 -6.45 -48.29
C LEU A 307 -0.64 -7.06 -49.14
N LEU A 308 0.35 -7.70 -48.48
CA LEU A 308 1.48 -8.37 -49.12
C LEU A 308 1.02 -9.60 -49.91
N ARG A 309 -0.03 -10.28 -49.40
CA ARG A 309 -0.60 -11.44 -50.06
C ARG A 309 -1.29 -11.01 -51.32
N LEU A 310 -2.03 -9.88 -51.24
CA LEU A 310 -2.71 -9.28 -52.39
C LEU A 310 -1.69 -8.81 -53.43
N VAL A 311 -0.55 -8.29 -52.98
CA VAL A 311 0.51 -7.83 -53.89
C VAL A 311 1.19 -9.05 -54.58
N ASP A 312 1.51 -10.10 -53.81
CA ASP A 312 2.12 -11.34 -54.31
C ASP A 312 1.21 -12.00 -55.38
N GLU A 313 -0.12 -11.96 -55.16
CA GLU A 313 -1.13 -12.50 -56.06
C GLU A 313 -1.54 -11.52 -57.17
N ASN A 314 -0.78 -10.40 -57.28
CA ASN A 314 -0.94 -9.39 -58.33
C ASN A 314 -2.35 -8.81 -58.36
N LEU A 315 -2.92 -8.54 -57.17
CA LEU A 315 -4.27 -7.98 -56.99
C LEU A 315 -4.29 -6.53 -56.42
N LEU A 316 -3.14 -6.04 -56.01
CA LEU A 316 -3.00 -4.75 -55.40
C LEU A 316 -1.67 -4.17 -55.78
N PHE A 317 -1.67 -2.87 -56.12
CA PHE A 317 -0.50 -2.05 -56.52
C PHE A 317 0.27 -2.65 -57.72
N HIS A 318 -0.46 -3.35 -58.64
CA HIS A 318 0.06 -4.02 -59.82
C HIS A 318 1.18 -5.02 -59.47
N GLY A 319 1.03 -5.70 -58.31
CA GLY A 319 1.98 -6.69 -57.82
C GLY A 319 3.35 -6.16 -57.39
N GLU A 320 3.50 -4.82 -57.36
CA GLU A 320 4.74 -4.15 -56.98
C GLU A 320 4.66 -3.53 -55.58
N ALA A 321 5.31 -4.19 -54.61
CA ALA A 321 5.37 -3.74 -53.22
C ALA A 321 6.63 -2.90 -53.01
N SER A 322 6.56 -1.92 -52.10
CA SER A 322 7.70 -1.07 -51.79
C SER A 322 8.56 -1.71 -50.71
N GLU A 323 9.82 -1.26 -50.57
CA GLU A 323 10.75 -1.70 -49.53
C GLU A 323 10.17 -1.42 -48.13
N GLN A 324 9.36 -0.33 -48.03
CA GLN A 324 8.69 0.09 -46.81
C GLN A 324 7.54 -0.85 -46.45
N LEU A 325 6.70 -1.24 -47.44
CA LEU A 325 5.60 -2.19 -47.24
C LEU A 325 6.11 -3.60 -46.85
N ARG A 326 7.32 -3.96 -47.30
CA ARG A 326 7.94 -5.25 -47.01
C ARG A 326 8.59 -5.31 -45.62
N THR A 327 8.75 -4.14 -44.94
CA THR A 327 9.36 -4.03 -43.60
C THR A 327 8.35 -4.32 -42.50
N ARG A 328 8.69 -5.20 -41.54
CA ARG A 328 7.83 -5.53 -40.40
C ARG A 328 7.50 -4.26 -39.60
N GLY A 329 6.22 -4.12 -39.24
CA GLY A 329 5.71 -3.00 -38.46
C GLY A 329 5.57 -1.68 -39.20
N ALA A 330 5.82 -1.65 -40.52
CA ALA A 330 5.70 -0.44 -41.33
C ALA A 330 4.25 0.04 -41.50
N PHE A 331 3.27 -0.88 -41.39
CA PHE A 331 1.85 -0.54 -41.44
C PHE A 331 1.39 -0.41 -39.98
N GLU A 332 1.45 0.82 -39.46
CA GLU A 332 1.11 1.13 -38.07
C GLU A 332 -0.38 0.95 -37.82
N THR A 333 -0.78 0.49 -36.63
CA THR A 333 -2.19 0.33 -36.29
C THR A 333 -2.94 1.68 -36.39
N ARG A 334 -2.21 2.81 -36.26
CA ARG A 334 -2.78 4.14 -36.42
C ARG A 334 -3.28 4.31 -37.86
N PHE A 335 -2.55 3.73 -38.84
CA PHE A 335 -2.89 3.77 -40.28
C PHE A 335 -4.22 3.06 -40.54
N VAL A 336 -4.48 1.94 -39.83
CA VAL A 336 -5.71 1.14 -39.90
C VAL A 336 -6.89 2.01 -39.47
N SER A 337 -6.71 2.79 -38.38
CA SER A 337 -7.73 3.73 -37.88
C SER A 337 -7.94 4.86 -38.86
N GLN A 338 -6.84 5.49 -39.33
CA GLN A 338 -6.88 6.58 -40.29
C GLN A 338 -7.57 6.15 -41.58
N VAL A 339 -7.23 4.95 -42.11
CA VAL A 339 -7.82 4.38 -43.33
C VAL A 339 -9.33 4.24 -43.17
N GLU A 340 -9.80 3.74 -42.02
CA GLU A 340 -11.22 3.55 -41.75
C GLU A 340 -11.95 4.86 -41.38
N SER A 341 -11.19 5.97 -41.19
CA SER A 341 -11.70 7.31 -40.88
C SER A 341 -12.02 8.05 -42.19
N ASP A 342 -11.31 7.68 -43.28
CA ASP A 342 -11.45 8.26 -44.62
C ASP A 342 -12.91 8.60 -45.02
N THR A 343 -13.12 9.89 -45.36
CA THR A 343 -14.40 10.52 -45.72
C THR A 343 -15.11 9.85 -46.90
N GLY A 344 -14.33 9.48 -47.91
CA GLY A 344 -14.81 8.84 -49.13
C GLY A 344 -13.98 9.21 -50.33
N ASP A 345 -13.27 10.34 -50.26
CA ASP A 345 -12.40 10.86 -51.32
C ASP A 345 -11.12 10.03 -51.49
N ARG A 346 -10.80 9.16 -50.50
CA ARG A 346 -9.62 8.28 -50.48
C ARG A 346 -8.29 9.04 -50.29
N LYS A 347 -8.36 10.33 -49.96
CA LYS A 347 -7.19 11.20 -49.76
C LYS A 347 -6.34 10.75 -48.57
N GLN A 348 -6.99 10.38 -47.44
CA GLN A 348 -6.28 9.88 -46.27
C GLN A 348 -5.52 8.60 -46.65
N ILE A 349 -6.22 7.63 -47.30
CA ILE A 349 -5.66 6.36 -47.76
C ILE A 349 -4.50 6.58 -48.73
N TYR A 350 -4.69 7.43 -49.78
CA TYR A 350 -3.66 7.72 -50.77
C TYR A 350 -2.37 8.24 -50.14
N ASN A 351 -2.49 9.18 -49.18
CA ASN A 351 -1.36 9.79 -48.48
C ASN A 351 -0.56 8.80 -47.61
N ILE A 352 -1.23 7.85 -46.93
CA ILE A 352 -0.56 6.82 -46.13
C ILE A 352 0.31 5.95 -47.06
N LEU A 353 -0.32 5.44 -48.12
CA LEU A 353 0.30 4.58 -49.13
C LEU A 353 1.45 5.28 -49.88
N SER A 354 1.29 6.59 -50.24
CA SER A 354 2.32 7.40 -50.90
C SER A 354 3.58 7.52 -50.04
N THR A 355 3.40 7.83 -48.74
CA THR A 355 4.50 7.92 -47.76
C THR A 355 5.19 6.56 -47.60
N LEU A 356 4.41 5.46 -47.67
CA LEU A 356 4.90 4.08 -47.57
C LEU A 356 5.66 3.63 -48.84
N GLY A 357 5.89 4.56 -49.77
CA GLY A 357 6.61 4.33 -51.01
C GLY A 357 5.83 3.69 -52.13
N LEU A 358 4.49 3.80 -52.10
CA LEU A 358 3.62 3.21 -53.12
C LEU A 358 2.92 4.29 -53.95
N ARG A 359 2.53 3.93 -55.19
CA ARG A 359 1.80 4.80 -56.12
C ARG A 359 0.44 4.11 -56.34
N PRO A 360 -0.54 4.29 -55.42
CA PRO A 360 -1.80 3.54 -55.55
C PRO A 360 -2.86 4.14 -56.45
N SER A 361 -3.72 3.28 -56.98
CA SER A 361 -4.86 3.68 -57.78
C SER A 361 -6.00 3.92 -56.80
N THR A 362 -7.17 4.36 -57.30
CA THR A 362 -8.33 4.58 -56.45
C THR A 362 -8.87 3.23 -55.99
N THR A 363 -8.78 2.20 -56.84
CA THR A 363 -9.24 0.84 -56.54
C THR A 363 -8.34 0.24 -55.45
N ASP A 364 -7.02 0.48 -55.55
CA ASP A 364 -6.02 0.05 -54.57
C ASP A 364 -6.36 0.60 -53.16
N CYS A 365 -6.80 1.87 -53.09
CA CYS A 365 -7.22 2.56 -51.86
C CYS A 365 -8.40 1.85 -51.21
N ASP A 366 -9.43 1.51 -52.03
CA ASP A 366 -10.65 0.81 -51.62
C ASP A 366 -10.35 -0.59 -51.13
N ILE A 367 -9.32 -1.23 -51.70
CA ILE A 367 -8.89 -2.58 -51.32
C ILE A 367 -8.24 -2.51 -49.93
N VAL A 368 -7.34 -1.51 -49.73
CA VAL A 368 -6.64 -1.27 -48.47
C VAL A 368 -7.69 -1.07 -47.34
N ARG A 369 -8.71 -0.24 -47.59
CA ARG A 369 -9.80 0.03 -46.66
C ARG A 369 -10.55 -1.23 -46.26
N ARG A 370 -10.90 -2.09 -47.25
CA ARG A 370 -11.64 -3.34 -47.01
C ARG A 370 -10.83 -4.34 -46.20
N ALA A 371 -9.50 -4.38 -46.41
CA ALA A 371 -8.59 -5.25 -45.66
C ALA A 371 -8.53 -4.80 -44.20
N CYS A 372 -8.41 -3.46 -43.96
CA CYS A 372 -8.40 -2.82 -42.63
C CYS A 372 -9.66 -3.18 -41.89
N GLU A 373 -10.81 -3.07 -42.56
CA GLU A 373 -12.12 -3.38 -42.03
C GLU A 373 -12.26 -4.85 -41.65
N SER A 374 -11.68 -5.74 -42.47
CA SER A 374 -11.75 -7.17 -42.22
C SER A 374 -11.00 -7.58 -40.94
N VAL A 375 -9.81 -7.00 -40.74
CA VAL A 375 -8.95 -7.25 -39.57
C VAL A 375 -9.59 -6.67 -38.28
N SER A 376 -10.02 -5.39 -38.31
CA SER A 376 -10.64 -4.72 -37.15
C SER A 376 -12.00 -5.32 -36.74
N THR A 377 -12.83 -5.75 -37.73
CA THR A 377 -14.14 -6.38 -37.44
C THR A 377 -13.91 -7.71 -36.74
N ARG A 378 -12.90 -8.47 -37.21
CA ARG A 378 -12.59 -9.74 -36.57
C ARG A 378 -12.10 -9.52 -35.12
N ALA A 379 -11.26 -8.46 -34.91
CA ALA A 379 -10.74 -8.06 -33.59
C ALA A 379 -11.88 -7.75 -32.60
N ALA A 380 -12.85 -6.92 -33.04
CA ALA A 380 -14.06 -6.55 -32.27
C ALA A 380 -14.94 -7.72 -31.93
N HIS A 381 -15.09 -8.66 -32.86
CA HIS A 381 -15.94 -9.85 -32.65
C HIS A 381 -15.27 -10.86 -31.74
N MET A 382 -13.94 -11.06 -31.91
CA MET A 382 -13.16 -11.95 -31.04
C MET A 382 -13.16 -11.42 -29.61
N CYS A 383 -12.98 -10.09 -29.47
CA CYS A 383 -12.96 -9.39 -28.19
C CYS A 383 -14.27 -9.53 -27.44
N SER A 384 -15.41 -9.35 -28.15
CA SER A 384 -16.76 -9.48 -27.60
C SER A 384 -17.07 -10.88 -27.07
N ALA A 385 -16.45 -11.90 -27.65
CA ALA A 385 -16.62 -13.29 -27.25
C ALA A 385 -16.03 -13.52 -25.84
N GLY A 386 -14.87 -12.92 -25.60
CA GLY A 386 -14.15 -12.97 -24.32
C GLY A 386 -14.91 -12.22 -23.25
N LEU A 387 -15.31 -10.95 -23.54
CA LEU A 387 -16.07 -10.14 -22.58
C LEU A 387 -17.43 -10.77 -22.20
N ALA A 388 -18.12 -11.39 -23.20
CA ALA A 388 -19.37 -12.08 -22.93
C ALA A 388 -19.17 -13.27 -22.01
N GLY A 389 -18.11 -14.04 -22.22
CA GLY A 389 -17.75 -15.16 -21.36
C GLY A 389 -17.65 -14.76 -19.90
N VAL A 390 -16.92 -13.63 -19.65
CA VAL A 390 -16.71 -13.01 -18.34
C VAL A 390 -18.07 -12.61 -17.73
N ILE A 391 -18.84 -11.79 -18.45
CA ILE A 391 -20.17 -11.33 -17.99
C ILE A 391 -21.15 -12.50 -17.73
N ASN A 392 -21.21 -13.49 -18.65
CA ASN A 392 -22.08 -14.65 -18.46
C ASN A 392 -21.63 -15.47 -17.26
N ARG A 393 -20.31 -15.63 -17.09
CA ARG A 393 -19.76 -16.36 -15.94
C ARG A 393 -20.17 -15.68 -14.63
N MET A 394 -20.06 -14.32 -14.57
CA MET A 394 -20.42 -13.55 -13.39
C MET A 394 -21.90 -13.66 -13.08
N ARG A 395 -22.75 -13.62 -14.12
CA ARG A 395 -24.20 -13.74 -13.99
C ARG A 395 -24.58 -15.05 -13.27
N GLU A 396 -23.92 -16.16 -13.65
CA GLU A 396 -24.09 -17.49 -13.08
C GLU A 396 -23.65 -17.51 -11.64
N SER A 397 -22.42 -17.05 -11.37
CA SER A 397 -21.80 -16.94 -10.03
C SER A 397 -22.61 -16.10 -9.05
N ARG A 398 -23.29 -15.07 -9.56
CA ARG A 398 -24.10 -14.17 -8.73
C ARG A 398 -25.57 -14.56 -8.70
N SER A 399 -25.94 -15.65 -9.41
CA SER A 399 -27.30 -16.18 -9.55
C SER A 399 -28.32 -15.06 -9.92
N GLU A 400 -27.88 -14.08 -10.73
CA GLU A 400 -28.71 -12.96 -11.16
C GLU A 400 -29.37 -13.27 -12.51
N ASP A 401 -30.71 -13.30 -12.55
CA ASP A 401 -31.45 -13.54 -13.81
C ASP A 401 -31.22 -12.37 -14.77
N VAL A 402 -31.34 -11.14 -14.24
CA VAL A 402 -31.03 -9.94 -15.00
C VAL A 402 -29.86 -9.29 -14.26
N MET A 403 -28.67 -9.34 -14.85
CA MET A 403 -27.50 -8.72 -14.24
C MET A 403 -27.22 -7.40 -14.92
N ARG A 404 -27.20 -6.34 -14.12
CA ARG A 404 -26.91 -4.97 -14.53
C ARG A 404 -25.46 -4.67 -14.11
N ILE A 405 -24.56 -4.56 -15.09
CA ILE A 405 -23.14 -4.35 -14.83
C ILE A 405 -22.55 -3.26 -15.69
N THR A 406 -21.49 -2.66 -15.18
CA THR A 406 -20.69 -1.64 -15.85
C THR A 406 -19.27 -2.20 -16.14
N VAL A 407 -18.80 -1.93 -17.34
CA VAL A 407 -17.47 -2.33 -17.81
C VAL A 407 -16.72 -1.06 -18.10
N GLY A 408 -15.58 -0.89 -17.43
CA GLY A 408 -14.68 0.24 -17.60
C GLY A 408 -13.64 -0.16 -18.64
N VAL A 409 -13.48 0.66 -19.68
CA VAL A 409 -12.60 0.32 -20.80
C VAL A 409 -11.59 1.39 -21.10
N ASP A 410 -10.32 0.98 -21.32
CA ASP A 410 -9.25 1.89 -21.70
C ASP A 410 -8.52 1.26 -22.90
N GLY A 411 -7.64 2.03 -23.52
CA GLY A 411 -6.85 1.58 -24.66
C GLY A 411 -7.21 2.30 -25.94
N SER A 412 -6.21 2.54 -26.78
CA SER A 412 -6.26 3.24 -28.06
C SER A 412 -7.12 2.56 -29.14
N VAL A 413 -7.21 1.21 -29.13
CA VAL A 413 -8.02 0.53 -30.14
C VAL A 413 -9.48 0.88 -29.88
N TYR A 414 -9.98 0.55 -28.68
CA TYR A 414 -11.34 0.86 -28.27
C TYR A 414 -11.70 2.35 -28.39
N LYS A 415 -10.81 3.26 -27.97
CA LYS A 415 -11.04 4.70 -27.97
C LYS A 415 -10.95 5.39 -29.31
N LEU A 416 -9.92 5.08 -30.08
CA LEU A 416 -9.65 5.82 -31.31
C LEU A 416 -10.07 5.12 -32.60
N HIS A 417 -10.35 3.80 -32.60
CA HIS A 417 -10.76 3.13 -33.84
C HIS A 417 -12.16 3.55 -34.31
N PRO A 418 -12.32 3.93 -35.61
CA PRO A 418 -13.62 4.43 -36.10
C PRO A 418 -14.87 3.61 -35.79
N SER A 419 -14.80 2.30 -35.87
CA SER A 419 -16.03 1.54 -35.65
C SER A 419 -15.89 0.35 -34.69
N PHE A 420 -14.70 0.19 -34.10
CA PHE A 420 -14.41 -0.90 -33.18
C PHE A 420 -15.42 -1.03 -32.05
N LYS A 421 -15.67 0.04 -31.30
CA LYS A 421 -16.56 -0.06 -30.14
C LYS A 421 -18.03 -0.23 -30.54
N GLU A 422 -18.49 0.36 -31.66
CA GLU A 422 -19.87 0.10 -32.08
C GLU A 422 -20.04 -1.40 -32.38
N ARG A 423 -19.15 -1.95 -33.21
CA ARG A 423 -19.12 -3.36 -33.61
C ARG A 423 -18.92 -4.27 -32.39
N PHE A 424 -18.10 -3.83 -31.43
CA PHE A 424 -17.85 -4.58 -30.21
C PHE A 424 -19.09 -4.58 -29.24
N HIS A 425 -19.71 -3.40 -28.97
CA HIS A 425 -20.89 -3.32 -28.07
C HIS A 425 -22.08 -4.21 -28.51
N ALA A 426 -22.42 -4.18 -29.82
CA ALA A 426 -23.52 -4.99 -30.38
C ALA A 426 -23.24 -6.49 -30.26
N SER A 427 -22.02 -6.89 -30.66
CA SER A 427 -21.66 -8.30 -30.57
C SER A 427 -21.68 -8.82 -29.12
N VAL A 428 -21.15 -8.05 -28.12
CA VAL A 428 -21.18 -8.40 -26.67
C VAL A 428 -22.67 -8.56 -26.23
N ARG A 429 -23.53 -7.55 -26.59
CA ARG A 429 -24.95 -7.52 -26.22
C ARG A 429 -25.77 -8.68 -26.82
N ARG A 430 -25.39 -9.17 -28.02
CA ARG A 430 -26.03 -10.35 -28.64
C ARG A 430 -25.69 -11.65 -27.88
N LEU A 431 -24.48 -11.71 -27.26
CA LEU A 431 -24.06 -12.89 -26.52
C LEU A 431 -24.51 -12.81 -25.06
N THR A 432 -24.98 -11.62 -24.64
CA THR A 432 -25.41 -11.41 -23.25
C THR A 432 -26.91 -11.02 -23.16
N PRO A 433 -27.87 -11.75 -23.78
CA PRO A 433 -29.29 -11.35 -23.71
C PRO A 433 -29.87 -10.99 -22.33
N SER A 434 -29.49 -11.72 -21.27
CA SER A 434 -30.00 -11.46 -19.92
C SER A 434 -29.20 -10.44 -19.07
N CYS A 435 -28.41 -9.55 -19.71
CA CYS A 435 -27.59 -8.54 -19.03
C CYS A 435 -27.83 -7.15 -19.55
N GLU A 436 -27.75 -6.16 -18.64
CA GLU A 436 -27.85 -4.74 -18.97
C GLU A 436 -26.45 -4.20 -18.70
N ILE A 437 -25.63 -4.13 -19.76
CA ILE A 437 -24.25 -3.67 -19.69
C ILE A 437 -24.15 -2.23 -20.04
N THR A 438 -23.43 -1.45 -19.21
CA THR A 438 -23.09 -0.06 -19.45
C THR A 438 -21.58 -0.07 -19.68
N PHE A 439 -21.11 0.62 -20.73
CA PHE A 439 -19.69 0.73 -21.02
C PHE A 439 -19.24 2.12 -20.67
N ILE A 440 -18.16 2.24 -19.89
CA ILE A 440 -17.58 3.54 -19.59
C ILE A 440 -16.24 3.57 -20.30
N GLU A 441 -16.05 4.56 -21.17
CA GLU A 441 -14.78 4.80 -21.81
C GLU A 441 -13.96 5.58 -20.79
N SER A 442 -12.96 4.92 -20.22
CA SER A 442 -12.08 5.49 -19.22
C SER A 442 -11.05 6.40 -19.87
N GLU A 443 -11.10 7.67 -19.52
CA GLU A 443 -10.17 8.67 -20.08
C GLU A 443 -8.72 8.45 -19.60
N GLU A 444 -8.52 8.24 -18.29
CA GLU A 444 -7.18 8.11 -17.69
C GLU A 444 -7.12 6.96 -16.68
N GLY A 445 -8.05 6.02 -16.80
CA GLY A 445 -8.22 4.90 -15.87
C GLY A 445 -6.97 4.16 -15.50
N SER A 446 -6.17 3.75 -16.52
CA SER A 446 -4.92 3.00 -16.32
C SER A 446 -3.97 3.68 -15.34
N GLY A 447 -3.86 5.00 -15.41
CA GLY A 447 -3.06 5.77 -14.47
C GLY A 447 -3.83 6.14 -13.21
N ARG A 448 -5.04 6.68 -13.33
CA ARG A 448 -5.78 7.18 -12.15
C ARG A 448 -6.12 6.11 -11.12
N GLY A 449 -6.47 4.91 -11.58
CA GLY A 449 -6.82 3.80 -10.71
C GLY A 449 -5.71 3.31 -9.80
N ALA A 450 -4.43 3.48 -10.22
CA ALA A 450 -3.23 3.09 -9.43
C ALA A 450 -3.13 4.00 -8.18
N ALA A 451 -3.48 5.27 -8.33
CA ALA A 451 -3.49 6.20 -7.23
C ALA A 451 -4.69 5.94 -6.30
N LEU A 452 -5.88 5.63 -6.86
CA LEU A 452 -7.09 5.37 -6.07
C LEU A 452 -6.99 4.08 -5.28
N VAL A 453 -6.33 3.03 -5.82
CA VAL A 453 -6.12 1.77 -5.08
C VAL A 453 -5.16 2.09 -3.88
N SER A 454 -4.17 2.99 -4.11
CA SER A 454 -3.23 3.43 -3.09
C SER A 454 -3.95 4.19 -2.01
N ALA A 455 -4.88 5.09 -2.39
CA ALA A 455 -5.68 5.88 -1.48
C ALA A 455 -6.56 4.98 -0.61
N VAL A 456 -7.11 3.89 -1.18
CA VAL A 456 -7.93 2.90 -0.45
C VAL A 456 -7.05 2.02 0.45
N ALA A 457 -5.91 1.52 -0.07
CA ALA A 457 -4.97 0.67 0.65
C ALA A 457 -4.29 1.39 1.82
N CYS A 458 -4.09 2.72 1.70
CA CYS A 458 -3.44 3.56 2.72
C CYS A 458 -4.20 3.67 4.06
N LYS A 459 -5.50 3.28 4.14
CA LYS A 459 -6.22 3.27 5.42
C LYS A 459 -5.51 2.27 6.38
N LYS A 460 -5.06 1.13 5.84
CA LYS A 460 -4.35 0.11 6.61
C LYS A 460 -2.81 0.28 6.60
N ALA A 461 -2.19 0.45 5.42
CA ALA A 461 -0.74 0.54 5.14
C ALA A 461 0.05 1.57 5.97
N CYS A 462 -0.48 2.81 6.07
CA CYS A 462 0.16 3.91 6.79
C CYS A 462 0.12 3.72 8.33
N MET A 463 -0.60 2.68 8.79
CA MET A 463 -0.76 2.30 10.20
C MET A 463 -0.04 0.99 10.57
N LEU A 464 0.62 0.33 9.58
CA LEU A 464 1.35 -0.94 9.75
C LEU A 464 2.48 -0.86 10.80
N GLY A 465 3.04 0.34 11.00
CA GLY A 465 4.10 0.62 11.97
C GLY A 465 3.82 1.87 12.79
N LEU B 16 17.65 -28.58 20.22
CA LEU B 16 18.78 -27.65 20.20
C LEU B 16 18.34 -26.23 19.76
N VAL B 17 17.51 -26.16 18.68
CA VAL B 17 16.91 -24.92 18.20
C VAL B 17 16.04 -24.44 19.37
N GLU B 18 15.29 -25.38 19.98
CA GLU B 18 14.41 -25.18 21.13
C GLU B 18 15.17 -24.70 22.37
N GLN B 19 16.39 -25.20 22.59
CA GLN B 19 17.21 -24.79 23.73
C GLN B 19 17.62 -23.30 23.60
N ILE B 20 17.98 -22.89 22.37
CA ILE B 20 18.33 -21.50 22.05
C ILE B 20 17.09 -20.58 22.22
N LEU B 21 15.92 -21.01 21.71
CA LEU B 21 14.66 -20.27 21.83
C LEU B 21 14.12 -20.20 23.25
N ALA B 22 14.48 -21.17 24.12
CA ALA B 22 14.04 -21.21 25.51
C ALA B 22 14.65 -20.09 26.37
N GLU B 23 15.75 -19.45 25.92
CA GLU B 23 16.41 -18.33 26.61
C GLU B 23 15.46 -17.09 26.71
N PHE B 24 14.52 -16.96 25.75
CA PHE B 24 13.55 -15.86 25.72
C PHE B 24 12.48 -15.99 26.81
N GLN B 25 12.24 -17.20 27.34
CA GLN B 25 11.25 -17.48 28.36
C GLN B 25 11.46 -16.70 29.65
N LEU B 26 10.38 -16.29 30.30
CA LEU B 26 10.44 -15.54 31.54
C LEU B 26 9.50 -16.20 32.51
N GLN B 27 10.06 -16.69 33.64
CA GLN B 27 9.30 -17.36 34.71
C GLN B 27 8.41 -16.35 35.39
N GLU B 28 7.26 -16.78 35.92
CA GLU B 28 6.31 -15.90 36.62
C GLU B 28 7.02 -15.06 37.69
N GLU B 29 8.01 -15.65 38.40
CA GLU B 29 8.81 -14.97 39.43
C GLU B 29 9.74 -13.91 38.84
N ASP B 30 10.25 -14.12 37.61
CA ASP B 30 11.13 -13.18 36.91
C ASP B 30 10.32 -11.91 36.53
N LEU B 31 9.05 -12.14 36.12
CA LEU B 31 8.10 -11.07 35.81
C LEU B 31 7.83 -10.23 37.05
N LYS B 32 7.63 -10.91 38.22
CA LYS B 32 7.42 -10.28 39.53
C LYS B 32 8.61 -9.43 39.92
N LYS B 33 9.85 -9.87 39.62
CA LYS B 33 11.07 -9.10 39.91
C LYS B 33 11.13 -7.86 39.02
N VAL B 34 10.87 -8.02 37.70
CA VAL B 34 10.80 -6.92 36.72
C VAL B 34 9.79 -5.84 37.22
N MET B 35 8.57 -6.30 37.58
CA MET B 35 7.45 -5.51 38.09
C MET B 35 7.85 -4.68 39.32
N ARG B 36 8.47 -5.35 40.33
CA ARG B 36 8.90 -4.71 41.58
C ARG B 36 10.00 -3.70 41.35
N ARG B 37 10.92 -4.02 40.44
CA ARG B 37 12.04 -3.15 40.09
C ARG B 37 11.51 -1.91 39.36
N MET B 38 10.48 -2.08 38.49
CA MET B 38 9.83 -0.97 37.77
C MET B 38 9.17 -0.05 38.82
N GLN B 39 8.48 -0.65 39.80
CA GLN B 39 7.83 0.07 40.90
C GLN B 39 8.83 0.91 41.69
N LYS B 40 10.04 0.35 41.90
CA LYS B 40 11.14 1.02 42.61
C LYS B 40 11.65 2.19 41.76
N GLU B 41 11.79 1.97 40.45
CA GLU B 41 12.24 3.01 39.52
C GLU B 41 11.23 4.16 39.38
N MET B 42 9.93 3.84 39.46
CA MET B 42 8.83 4.78 39.37
C MET B 42 8.84 5.71 40.57
N ASP B 43 9.04 5.14 41.79
CA ASP B 43 9.10 5.92 43.02
C ASP B 43 10.32 6.85 42.99
N ARG B 44 11.44 6.39 42.39
CA ARG B 44 12.68 7.17 42.22
C ARG B 44 12.49 8.39 41.31
N GLY B 45 11.77 8.21 40.20
CA GLY B 45 11.50 9.27 39.24
C GLY B 45 10.62 10.38 39.79
N LEU B 46 9.70 10.03 40.69
CA LEU B 46 8.78 10.96 41.31
C LEU B 46 9.40 11.78 42.46
N ARG B 47 10.44 11.22 43.16
CA ARG B 47 11.13 11.88 44.29
C ARG B 47 12.17 12.91 43.80
N LEU B 48 12.05 14.20 44.26
CA LEU B 48 12.97 15.31 43.92
C LEU B 48 14.45 14.92 44.10
N GLU B 49 14.74 14.18 45.19
CA GLU B 49 16.09 13.70 45.53
C GLU B 49 16.70 12.76 44.48
N THR B 50 15.90 11.82 43.92
CA THR B 50 16.40 10.83 42.97
C THR B 50 16.03 11.05 41.48
N HIS B 51 15.14 12.02 41.16
CA HIS B 51 14.71 12.29 39.78
C HIS B 51 15.85 12.38 38.76
N GLU B 52 16.85 13.26 39.00
CA GLU B 52 17.94 13.47 38.04
C GLU B 52 18.79 12.23 37.73
N GLU B 53 18.81 11.25 38.66
CA GLU B 53 19.58 10.00 38.49
C GLU B 53 18.72 8.85 37.97
N ALA B 54 17.39 8.92 38.20
CA ALA B 54 16.40 7.92 37.83
C ALA B 54 16.35 7.63 36.33
N SER B 55 16.28 6.33 35.99
CA SER B 55 16.16 5.86 34.61
C SER B 55 14.72 6.10 34.09
N VAL B 56 13.69 5.87 34.95
CA VAL B 56 12.28 6.10 34.63
C VAL B 56 11.97 7.49 35.19
N LYS B 57 11.92 8.49 34.29
CA LYS B 57 11.82 9.91 34.60
C LYS B 57 10.50 10.35 35.25
N MET B 58 9.40 9.64 34.97
CA MET B 58 8.10 9.96 35.60
C MET B 58 7.76 11.46 35.42
N LEU B 59 7.82 11.91 34.17
CA LEU B 59 7.62 13.30 33.81
C LEU B 59 6.19 13.83 33.99
N PRO B 60 6.03 14.85 34.88
CA PRO B 60 4.70 15.49 35.04
C PRO B 60 4.23 16.14 33.73
N THR B 61 2.95 15.95 33.39
CA THR B 61 2.41 16.41 32.11
C THR B 61 1.62 17.70 32.18
N TYR B 62 1.15 18.06 33.37
CA TYR B 62 0.30 19.22 33.67
C TYR B 62 -1.18 18.97 33.25
N VAL B 63 -1.49 17.72 32.82
CA VAL B 63 -2.86 17.29 32.51
C VAL B 63 -3.42 16.84 33.86
N ARG B 64 -4.46 17.53 34.32
CA ARG B 64 -5.09 17.26 35.62
C ARG B 64 -6.48 16.73 35.44
N SER B 65 -6.97 15.98 36.44
CA SER B 65 -8.36 15.48 36.51
C SER B 65 -9.33 16.64 36.29
N THR B 66 -10.23 16.47 35.31
CA THR B 66 -11.13 17.54 34.90
C THR B 66 -12.59 17.34 35.22
N PRO B 67 -13.32 18.44 35.56
CA PRO B 67 -14.79 18.33 35.69
C PRO B 67 -15.41 18.02 34.31
N GLU B 68 -16.70 17.62 34.30
CA GLU B 68 -17.45 17.26 33.10
C GLU B 68 -17.36 18.28 31.94
N GLY B 69 -17.36 17.76 30.72
CA GLY B 69 -17.32 18.57 29.50
C GLY B 69 -16.00 19.22 29.13
N SER B 70 -16.06 19.92 27.99
CA SER B 70 -14.99 20.65 27.34
C SER B 70 -15.62 21.70 26.42
N GLU B 71 -14.79 22.46 25.71
CA GLU B 71 -15.32 23.38 24.72
C GLU B 71 -15.92 22.61 23.53
N VAL B 72 -16.85 23.23 22.85
CA VAL B 72 -17.48 22.75 21.65
C VAL B 72 -16.74 23.50 20.52
N GLY B 73 -16.58 22.85 19.37
CA GLY B 73 -15.89 23.48 18.23
C GLY B 73 -14.96 22.57 17.47
N ASP B 74 -14.19 23.21 16.55
CA ASP B 74 -13.20 22.55 15.68
C ASP B 74 -11.82 22.63 16.29
N PHE B 75 -11.18 21.48 16.43
CA PHE B 75 -9.84 21.40 17.02
C PHE B 75 -8.88 20.69 16.10
N LEU B 76 -7.71 21.29 15.92
CA LEU B 76 -6.72 20.64 15.07
C LEU B 76 -5.75 19.83 15.94
N SER B 77 -5.36 18.68 15.42
CA SER B 77 -4.46 17.74 16.07
C SER B 77 -3.25 17.39 15.15
N LEU B 78 -2.05 17.40 15.71
CA LEU B 78 -0.81 16.96 15.04
C LEU B 78 -0.25 15.85 15.87
N ASP B 79 0.20 14.80 15.21
CA ASP B 79 0.76 13.64 15.88
C ASP B 79 2.10 13.29 15.24
N LEU B 80 3.18 13.52 15.99
CA LEU B 80 4.54 13.22 15.56
C LEU B 80 5.19 12.21 16.51
N GLY B 81 5.69 11.11 15.98
CA GLY B 81 6.37 10.12 16.81
C GLY B 81 6.80 8.85 16.12
N GLY B 82 6.70 8.82 14.80
CA GLY B 82 7.05 7.64 14.00
C GLY B 82 7.51 8.02 12.62
N THR B 83 7.45 7.04 11.68
CA THR B 83 7.82 7.27 10.27
C THR B 83 6.75 8.15 9.59
N ASN B 84 5.50 8.03 10.08
CA ASN B 84 4.34 8.76 9.59
C ASN B 84 3.82 9.79 10.57
N PHE B 85 3.53 10.98 10.04
CA PHE B 85 3.01 12.15 10.73
C PHE B 85 1.52 12.24 10.34
N ARG B 86 0.68 12.69 11.27
CA ARG B 86 -0.76 12.79 11.07
C ARG B 86 -1.29 14.13 11.48
N VAL B 87 -2.16 14.69 10.62
CA VAL B 87 -2.91 15.92 10.89
C VAL B 87 -4.35 15.46 11.00
N MET B 88 -5.02 15.92 12.06
CA MET B 88 -6.39 15.51 12.33
C MET B 88 -7.28 16.71 12.64
N LEU B 89 -8.50 16.71 12.12
CA LEU B 89 -9.48 17.72 12.47
C LEU B 89 -10.54 17.01 13.32
N VAL B 90 -10.74 17.51 14.53
CA VAL B 90 -11.68 16.95 15.50
C VAL B 90 -12.80 17.93 15.78
N LYS B 91 -14.03 17.52 15.49
CA LYS B 91 -15.24 18.30 15.63
C LYS B 91 -15.98 17.85 16.88
N VAL B 92 -16.02 18.74 17.85
CA VAL B 92 -16.67 18.49 19.14
C VAL B 92 -17.98 19.24 19.15
N GLY B 93 -19.06 18.48 19.21
CA GLY B 93 -20.40 19.05 19.22
C GLY B 93 -21.41 18.36 20.11
N GLU B 94 -22.68 18.58 19.77
CA GLU B 94 -23.88 18.11 20.46
C GLU B 94 -24.63 17.10 19.58
N GLN B 99 -25.80 13.14 23.70
CA GLN B 99 -25.50 14.53 24.06
C GLN B 99 -24.20 14.95 23.34
N TRP B 100 -23.05 14.41 23.77
CA TRP B 100 -21.75 14.74 23.18
C TRP B 100 -21.49 13.99 21.88
N SER B 101 -21.02 14.71 20.86
CA SER B 101 -20.62 14.13 19.56
C SER B 101 -19.17 14.53 19.21
N VAL B 102 -18.31 13.52 18.96
CA VAL B 102 -16.90 13.73 18.55
C VAL B 102 -16.63 13.04 17.20
N LYS B 103 -16.44 13.84 16.14
CA LYS B 103 -16.17 13.38 14.77
C LYS B 103 -14.74 13.79 14.32
N THR B 104 -14.03 12.90 13.63
CA THR B 104 -12.66 13.18 13.18
C THR B 104 -12.44 13.01 11.67
N LYS B 105 -11.51 13.78 11.09
CA LYS B 105 -10.97 13.72 9.72
C LYS B 105 -9.45 13.69 9.88
N HIS B 106 -8.77 12.88 9.08
CA HIS B 106 -7.32 12.79 9.15
C HIS B 106 -6.66 12.75 7.74
N GLN B 107 -5.34 12.94 7.74
CA GLN B 107 -4.43 12.85 6.60
C GLN B 107 -3.09 12.38 7.14
N MET B 108 -2.49 11.39 6.46
CA MET B 108 -1.18 10.83 6.83
C MET B 108 -0.13 11.44 5.90
N TYR B 109 1.07 11.64 6.43
CA TYR B 109 2.21 12.23 5.72
C TYR B 109 3.45 11.46 6.08
N SER B 110 4.18 11.05 5.05
CA SER B 110 5.41 10.32 5.28
C SER B 110 6.54 11.33 5.35
N ILE B 111 7.31 11.24 6.44
CA ILE B 111 8.43 12.13 6.68
C ILE B 111 9.65 11.73 5.81
N PRO B 112 10.12 12.62 4.91
CA PRO B 112 11.32 12.30 4.13
C PRO B 112 12.56 12.32 5.03
N GLU B 113 13.56 11.47 4.72
CA GLU B 113 14.86 11.31 5.42
C GLU B 113 15.54 12.66 5.64
N ASP B 114 15.56 13.54 4.62
CA ASP B 114 16.12 14.89 4.68
C ASP B 114 15.56 15.70 5.87
N ALA B 115 14.21 15.64 6.09
CA ALA B 115 13.51 16.32 7.19
C ALA B 115 13.80 15.68 8.55
N MET B 116 14.31 14.45 8.55
CA MET B 116 14.68 13.69 9.75
C MET B 116 16.15 13.84 10.13
N THR B 117 17.02 14.02 9.13
CA THR B 117 18.48 14.08 9.21
C THR B 117 19.01 15.46 9.57
N GLY B 118 18.35 16.49 9.08
CA GLY B 118 18.74 17.88 9.25
C GLY B 118 18.42 18.53 10.56
N THR B 119 18.05 19.78 10.50
CA THR B 119 17.75 20.60 11.66
C THR B 119 16.30 20.41 12.11
N ALA B 120 16.03 20.85 13.34
CA ALA B 120 14.72 20.89 13.96
C ALA B 120 13.86 21.84 13.14
N GLU B 121 14.47 22.92 12.60
CA GLU B 121 13.82 23.93 11.77
C GLU B 121 13.28 23.33 10.49
N MET B 122 14.09 22.51 9.79
CA MET B 122 13.71 21.79 8.57
C MET B 122 12.54 20.84 8.84
N LEU B 123 12.57 20.11 9.98
CA LEU B 123 11.53 19.17 10.41
C LEU B 123 10.19 19.91 10.61
N PHE B 124 10.22 21.00 11.37
CA PHE B 124 9.02 21.78 11.67
C PHE B 124 8.54 22.57 10.44
N ASP B 125 9.42 22.81 9.44
CA ASP B 125 9.04 23.44 8.16
C ASP B 125 8.29 22.41 7.31
N TYR B 126 8.68 21.13 7.35
CA TYR B 126 7.96 20.10 6.62
C TYR B 126 6.58 19.85 7.28
N ILE B 127 6.50 19.83 8.65
CA ILE B 127 5.25 19.68 9.42
C ILE B 127 4.29 20.83 9.03
N SER B 128 4.81 22.08 8.99
CA SER B 128 4.01 23.26 8.61
C SER B 128 3.43 23.13 7.22
N GLU B 129 4.23 22.63 6.29
CA GLU B 129 3.82 22.39 4.90
C GLU B 129 2.68 21.35 4.84
N CYS B 130 2.76 20.32 5.69
CA CYS B 130 1.73 19.27 5.81
C CYS B 130 0.44 19.86 6.33
N ILE B 131 0.52 20.73 7.34
CA ILE B 131 -0.62 21.43 7.93
C ILE B 131 -1.34 22.21 6.83
N SER B 132 -0.60 23.03 6.03
CA SER B 132 -1.17 23.77 4.88
C SER B 132 -1.94 22.85 3.96
N ASP B 133 -1.34 21.70 3.60
CA ASP B 133 -1.96 20.73 2.72
C ASP B 133 -3.30 20.28 3.29
N PHE B 134 -3.31 19.90 4.59
CA PHE B 134 -4.52 19.46 5.29
C PHE B 134 -5.57 20.59 5.25
N LEU B 135 -5.15 21.82 5.54
CA LEU B 135 -6.04 22.98 5.53
C LEU B 135 -6.67 23.23 4.16
N ASP B 136 -5.89 23.04 3.06
CA ASP B 136 -6.40 23.20 1.69
C ASP B 136 -7.37 22.09 1.32
N LYS B 137 -7.05 20.85 1.65
CA LYS B 137 -7.92 19.72 1.31
C LYS B 137 -9.23 19.66 2.12
N HIS B 138 -9.30 20.46 3.21
CA HIS B 138 -10.48 20.50 4.05
C HIS B 138 -11.14 21.89 4.01
N GLN B 139 -10.79 22.69 2.99
CA GLN B 139 -11.33 24.03 2.70
C GLN B 139 -11.36 24.93 3.93
N MET B 140 -10.21 25.05 4.63
CA MET B 140 -10.16 25.82 5.87
C MET B 140 -8.85 26.56 6.17
N LYS B 141 -8.06 26.95 5.14
CA LYS B 141 -6.78 27.66 5.34
C LYS B 141 -6.95 29.07 5.93
N HIS B 142 -8.15 29.65 5.81
CA HIS B 142 -8.46 30.99 6.32
C HIS B 142 -8.87 30.98 7.83
N LYS B 143 -9.15 29.79 8.39
CA LYS B 143 -9.57 29.63 9.79
C LYS B 143 -8.37 29.53 10.74
N LYS B 144 -8.47 30.23 11.88
CA LYS B 144 -7.47 30.21 12.94
C LYS B 144 -8.06 29.28 14.03
N LEU B 145 -7.54 28.07 14.12
CA LEU B 145 -8.07 27.05 15.01
C LEU B 145 -7.17 26.73 16.19
N PRO B 146 -7.74 26.25 17.33
CA PRO B 146 -6.85 25.79 18.42
C PRO B 146 -6.25 24.44 18.01
N LEU B 147 -4.99 24.26 18.35
CA LEU B 147 -4.21 23.10 17.99
C LEU B 147 -3.66 22.37 19.21
N GLY B 148 -3.80 21.04 19.19
CA GLY B 148 -3.22 20.11 20.15
C GLY B 148 -2.08 19.36 19.46
N PHE B 149 -0.96 19.23 20.12
CA PHE B 149 0.20 18.58 19.53
C PHE B 149 0.65 17.32 20.30
N THR B 150 0.48 16.15 19.69
CA THR B 150 1.00 14.91 20.26
C THR B 150 2.45 14.79 19.78
N PHE B 151 3.36 14.82 20.73
CA PHE B 151 4.78 14.77 20.43
C PHE B 151 5.31 13.64 21.30
N SER B 152 5.52 12.49 20.68
CA SER B 152 5.83 11.20 21.30
C SER B 152 7.29 10.99 21.66
N PHE B 153 7.84 11.87 22.50
CA PHE B 153 9.26 11.90 22.91
C PHE B 153 9.37 12.45 24.33
N PRO B 154 10.40 12.03 25.12
CA PRO B 154 10.51 12.55 26.50
C PRO B 154 10.62 14.07 26.55
N VAL B 155 9.65 14.72 27.22
CA VAL B 155 9.59 16.17 27.33
C VAL B 155 9.49 16.64 28.78
N ARG B 156 10.31 17.65 29.19
CA ARG B 156 10.20 18.24 30.52
C ARG B 156 9.25 19.41 30.35
N HIS B 157 8.04 19.25 30.87
CA HIS B 157 6.98 20.26 30.76
C HIS B 157 7.07 21.34 31.85
N GLU B 158 6.72 22.58 31.50
CA GLU B 158 6.64 23.70 32.44
C GLU B 158 5.13 23.96 32.63
N ASP B 159 4.34 23.63 31.59
CA ASP B 159 2.88 23.71 31.54
C ASP B 159 2.38 22.80 30.40
N ILE B 160 1.08 22.76 30.18
CA ILE B 160 0.37 22.02 29.15
C ILE B 160 0.76 22.45 27.72
N ASP B 161 1.28 23.68 27.54
CA ASP B 161 1.62 24.30 26.26
C ASP B 161 3.08 24.72 26.18
N LYS B 162 3.92 24.14 27.03
CA LYS B 162 5.34 24.48 27.04
C LYS B 162 6.13 23.30 27.58
N GLY B 163 7.08 22.82 26.78
CA GLY B 163 7.93 21.68 27.15
C GLY B 163 9.17 21.59 26.32
N ILE B 164 10.28 21.23 26.97
CA ILE B 164 11.60 21.11 26.34
C ILE B 164 11.90 19.66 26.03
N LEU B 165 12.43 19.39 24.82
CA LEU B 165 12.77 18.04 24.42
C LEU B 165 14.01 17.61 25.19
N LEU B 166 13.85 16.60 26.04
CA LEU B 166 14.94 16.05 26.83
C LEU B 166 15.93 15.36 25.90
N ASN B 167 15.46 14.40 25.11
CA ASN B 167 16.26 13.71 24.11
C ASN B 167 15.36 13.00 23.11
N TRP B 168 15.86 12.75 21.89
CA TRP B 168 15.15 11.99 20.86
C TRP B 168 15.21 10.50 21.21
N THR B 169 14.23 9.73 20.72
CA THR B 169 14.14 8.28 20.87
C THR B 169 13.65 7.78 19.51
N LYS B 170 13.58 6.42 19.33
CA LYS B 170 13.06 5.73 18.14
C LYS B 170 13.78 6.11 16.82
N GLY B 171 15.07 6.44 16.92
CA GLY B 171 15.92 6.79 15.78
C GLY B 171 15.80 8.20 15.25
N PHE B 172 15.03 9.08 15.93
CA PHE B 172 14.88 10.50 15.55
C PHE B 172 16.20 11.22 15.87
N LYS B 173 16.66 12.12 14.96
CA LYS B 173 17.95 12.78 15.14
C LYS B 173 18.05 14.23 14.63
N ALA B 174 16.93 14.98 14.50
CA ALA B 174 16.99 16.39 14.03
C ALA B 174 17.75 17.28 15.02
N SER B 175 18.79 17.97 14.54
CA SER B 175 19.67 18.83 15.34
C SER B 175 18.99 20.12 15.76
N GLY B 176 19.36 20.65 16.93
CA GLY B 176 18.83 21.90 17.45
C GLY B 176 17.46 21.78 18.11
N ALA B 177 17.08 20.56 18.50
CA ALA B 177 15.78 20.33 19.12
C ALA B 177 15.92 20.06 20.60
N GLU B 178 16.84 19.15 20.98
CA GLU B 178 17.10 18.79 22.37
C GLU B 178 17.48 20.05 23.18
N GLY B 179 16.83 20.21 24.33
CA GLY B 179 17.01 21.36 25.22
C GLY B 179 16.12 22.53 24.87
N ASN B 180 15.49 22.53 23.67
CA ASN B 180 14.62 23.62 23.25
C ASN B 180 13.12 23.34 23.45
N ASN B 181 12.31 24.44 23.52
CA ASN B 181 10.86 24.35 23.67
C ASN B 181 10.26 23.92 22.33
N VAL B 182 9.74 22.67 22.32
CA VAL B 182 9.12 22.00 21.16
C VAL B 182 7.96 22.83 20.62
N VAL B 183 7.14 23.44 21.51
CA VAL B 183 6.01 24.33 21.16
C VAL B 183 6.52 25.57 20.40
N GLY B 184 7.63 26.15 20.90
CA GLY B 184 8.32 27.28 20.30
C GLY B 184 8.76 26.98 18.89
N LEU B 185 9.38 25.80 18.68
CA LEU B 185 9.84 25.33 17.35
C LEU B 185 8.69 25.26 16.33
N LEU B 186 7.54 24.68 16.75
CA LEU B 186 6.34 24.56 15.92
C LEU B 186 5.76 25.94 15.59
N ARG B 187 5.60 26.81 16.60
CA ARG B 187 5.10 28.19 16.46
C ARG B 187 5.96 28.99 15.46
N ASP B 188 7.30 28.91 15.59
CA ASP B 188 8.29 29.58 14.73
C ASP B 188 8.13 29.17 13.28
N ALA B 189 7.95 27.86 13.04
CA ALA B 189 7.79 27.31 11.69
C ALA B 189 6.48 27.74 11.07
N ILE B 190 5.42 27.89 11.90
CA ILE B 190 4.11 28.34 11.44
C ILE B 190 4.24 29.82 11.02
N LYS B 191 4.91 30.65 11.87
CA LYS B 191 5.17 32.07 11.60
C LYS B 191 6.06 32.22 10.36
N ARG B 192 7.21 31.49 10.27
CA ARG B 192 8.07 31.53 9.08
C ARG B 192 7.29 31.28 7.81
N ARG B 193 6.39 30.29 7.83
CA ARG B 193 5.59 29.96 6.66
C ARG B 193 4.58 31.07 6.28
N GLY B 194 3.87 31.66 7.25
CA GLY B 194 2.89 32.71 7.05
C GLY B 194 1.73 32.37 6.15
N ASP B 195 1.39 31.08 6.04
CA ASP B 195 0.31 30.60 5.16
C ASP B 195 -1.04 30.39 5.89
N PHE B 196 -0.96 30.22 7.21
CA PHE B 196 -2.10 29.98 8.08
C PHE B 196 -1.73 30.41 9.49
N GLU B 197 -2.73 30.38 10.39
CA GLU B 197 -2.56 30.73 11.80
C GLU B 197 -3.24 29.65 12.61
N MET B 198 -2.63 29.29 13.74
CA MET B 198 -3.15 28.28 14.66
C MET B 198 -2.75 28.68 16.06
N ASP B 199 -3.63 28.46 17.04
CA ASP B 199 -3.26 28.69 18.44
C ASP B 199 -2.80 27.36 19.01
N VAL B 200 -1.49 27.21 19.28
CA VAL B 200 -1.00 25.97 19.89
C VAL B 200 -1.33 26.05 21.37
N VAL B 201 -2.34 25.29 21.74
CA VAL B 201 -2.97 25.25 23.06
C VAL B 201 -2.40 24.16 23.99
N ALA B 202 -1.96 23.03 23.42
CA ALA B 202 -1.48 21.92 24.23
C ALA B 202 -0.47 21.05 23.53
N MET B 203 0.46 20.47 24.30
CA MET B 203 1.41 19.50 23.83
C MET B 203 1.43 18.34 24.78
N VAL B 204 1.15 17.14 24.24
CA VAL B 204 1.09 15.94 25.08
C VAL B 204 1.86 14.79 24.47
N ASN B 205 2.16 13.81 25.28
CA ASN B 205 2.76 12.56 24.84
C ASN B 205 1.59 11.72 24.25
N ASP B 206 1.89 10.76 23.37
CA ASP B 206 0.89 9.85 22.76
C ASP B 206 0.20 8.97 23.77
N THR B 207 0.89 8.61 24.89
CA THR B 207 0.27 7.82 25.97
C THR B 207 -0.88 8.62 26.58
N VAL B 208 -0.63 9.93 26.84
CA VAL B 208 -1.52 10.92 27.43
C VAL B 208 -2.72 11.14 26.51
N ALA B 209 -2.45 11.39 25.23
CA ALA B 209 -3.50 11.57 24.20
C ALA B 209 -4.40 10.31 24.13
N THR B 210 -3.79 9.10 24.14
CA THR B 210 -4.53 7.82 24.13
C THR B 210 -5.45 7.69 25.38
N MET B 211 -4.93 8.01 26.56
CA MET B 211 -5.70 7.94 27.80
C MET B 211 -6.90 8.89 27.75
N ILE B 212 -6.70 10.14 27.26
CA ILE B 212 -7.72 11.17 27.16
C ILE B 212 -8.78 10.77 26.14
N SER B 213 -8.35 10.22 25.02
CA SER B 213 -9.29 9.77 23.99
C SER B 213 -10.20 8.62 24.49
N CYS B 214 -9.64 7.69 25.28
CA CYS B 214 -10.40 6.54 25.81
C CYS B 214 -11.24 6.95 27.01
N TYR B 215 -10.76 7.94 27.84
CA TYR B 215 -11.50 8.52 28.96
C TYR B 215 -12.82 9.09 28.44
N TYR B 216 -12.81 9.73 27.24
CA TYR B 216 -14.05 10.28 26.65
C TYR B 216 -15.18 9.22 26.61
N GLU B 217 -14.82 7.97 26.29
CA GLU B 217 -15.77 6.86 26.19
C GLU B 217 -15.89 6.00 27.46
N ASP B 218 -15.03 6.22 28.47
CA ASP B 218 -14.98 5.47 29.73
C ASP B 218 -14.23 6.29 30.75
N HIS B 219 -14.98 6.87 31.69
CA HIS B 219 -14.44 7.70 32.78
C HIS B 219 -13.56 6.90 33.78
N GLN B 220 -13.51 5.57 33.65
CA GLN B 220 -12.63 4.72 34.46
C GLN B 220 -11.19 4.61 33.86
N CYS B 221 -10.93 5.16 32.64
CA CYS B 221 -9.61 5.16 31.97
C CYS B 221 -8.69 6.15 32.59
N GLU B 222 -7.68 5.68 33.33
CA GLU B 222 -6.71 6.53 34.01
C GLU B 222 -5.29 6.09 33.73
N VAL B 223 -5.12 5.22 32.71
CA VAL B 223 -3.84 4.71 32.20
C VAL B 223 -3.90 4.71 30.67
N GLY B 224 -2.84 5.22 30.05
CA GLY B 224 -2.64 5.25 28.61
C GLY B 224 -1.36 4.51 28.31
N MET B 225 -1.39 3.65 27.30
CA MET B 225 -0.22 2.85 26.98
C MET B 225 -0.02 2.77 25.47
N ILE B 226 1.24 2.77 25.05
CA ILE B 226 1.62 2.62 23.64
C ILE B 226 2.46 1.40 23.47
N VAL B 227 2.09 0.54 22.51
CA VAL B 227 2.89 -0.62 22.08
C VAL B 227 2.95 -0.54 20.57
N GLY B 228 3.78 0.38 20.08
CA GLY B 228 3.98 0.62 18.64
C GLY B 228 5.44 0.44 18.27
N THR B 229 5.99 1.41 17.54
CA THR B 229 7.42 1.51 17.17
C THR B 229 8.21 1.55 18.51
N GLY B 230 7.69 2.30 19.48
CA GLY B 230 8.19 2.41 20.83
C GLY B 230 7.18 1.90 21.84
N CYS B 231 7.57 1.89 23.09
CA CYS B 231 6.70 1.42 24.15
C CYS B 231 6.78 2.37 25.34
N ASN B 232 5.60 2.79 25.85
CA ASN B 232 5.51 3.69 26.99
C ASN B 232 4.13 3.62 27.66
N ALA B 233 4.01 4.23 28.85
CA ALA B 233 2.78 4.34 29.60
C ALA B 233 2.72 5.65 30.42
N CYS B 234 1.50 6.12 30.70
CA CYS B 234 1.22 7.28 31.54
C CYS B 234 0.09 6.85 32.43
N TYR B 235 -0.13 7.54 33.55
CA TYR B 235 -1.21 7.20 34.48
C TYR B 235 -1.53 8.40 35.34
N MET B 236 -2.72 8.41 35.96
CA MET B 236 -3.12 9.48 36.87
C MET B 236 -2.55 9.25 38.27
N GLU B 237 -1.55 10.07 38.62
CA GLU B 237 -0.87 10.01 39.92
C GLU B 237 -1.45 11.03 40.90
N GLU B 238 -1.48 10.66 42.19
CA GLU B 238 -1.89 11.55 43.28
C GLU B 238 -0.87 12.72 43.31
N MET B 239 -1.39 13.96 43.32
CA MET B 239 -0.58 15.17 43.32
C MET B 239 0.46 15.22 44.49
N GLN B 240 0.11 14.57 45.64
CA GLN B 240 0.93 14.44 46.84
C GLN B 240 2.21 13.65 46.52
N ASN B 241 2.12 12.66 45.59
CA ASN B 241 3.24 11.84 45.14
C ASN B 241 4.14 12.48 44.09
N VAL B 242 3.66 13.55 43.43
CA VAL B 242 4.40 14.26 42.37
C VAL B 242 5.18 15.43 43.00
N GLU B 243 6.42 15.13 43.48
CA GLU B 243 7.31 16.09 44.17
C GLU B 243 7.86 17.19 43.27
N LEU B 244 7.92 16.96 41.95
CA LEU B 244 8.40 17.96 40.98
C LEU B 244 7.35 19.01 40.68
N VAL B 245 6.16 18.86 41.27
CA VAL B 245 5.04 19.76 41.04
C VAL B 245 4.48 20.29 42.37
N GLU B 246 4.09 21.58 42.34
CA GLU B 246 3.49 22.29 43.45
C GLU B 246 2.05 21.84 43.58
N GLY B 247 1.67 21.39 44.78
CA GLY B 247 0.33 20.91 45.08
C GLY B 247 0.27 19.47 45.54
N ASP B 248 -0.66 19.19 46.45
CA ASP B 248 -0.91 17.88 47.04
C ASP B 248 -2.40 17.52 46.89
N GLU B 249 -3.17 18.43 46.25
CA GLU B 249 -4.60 18.25 45.97
C GLU B 249 -4.85 17.79 44.52
N GLY B 250 -5.68 16.75 44.38
CA GLY B 250 -6.09 16.16 43.10
C GLY B 250 -5.12 15.17 42.48
N ARG B 251 -5.25 14.98 41.14
CA ARG B 251 -4.37 14.08 40.39
C ARG B 251 -3.77 14.76 39.16
N MET B 252 -2.56 14.36 38.78
CA MET B 252 -1.92 14.82 37.54
C MET B 252 -1.41 13.61 36.79
N CYS B 253 -1.55 13.62 35.47
CA CYS B 253 -1.02 12.56 34.63
C CYS B 253 0.49 12.67 34.62
N VAL B 254 1.15 11.53 34.70
CA VAL B 254 2.60 11.39 34.71
C VAL B 254 2.98 10.52 33.52
N ASN B 255 3.93 10.97 32.69
CA ASN B 255 4.49 10.21 31.55
C ASN B 255 5.70 9.45 32.11
N THR B 256 5.55 8.14 32.35
CA THR B 256 6.61 7.33 32.96
C THR B 256 7.92 7.36 32.20
N GLU B 257 7.84 7.26 30.87
CA GLU B 257 8.97 7.13 29.95
C GLU B 257 9.73 5.84 30.30
N TRP B 258 8.92 4.80 30.65
CA TRP B 258 9.39 3.48 31.08
C TRP B 258 10.26 2.73 30.02
N GLY B 259 10.29 3.23 28.78
CA GLY B 259 11.12 2.64 27.73
C GLY B 259 12.58 2.61 28.14
N ALA B 260 13.00 3.64 28.87
CA ALA B 260 14.34 3.84 29.45
C ALA B 260 14.58 2.98 30.71
N PHE B 261 13.58 2.18 31.16
CA PHE B 261 13.77 1.25 32.27
C PHE B 261 14.87 0.28 31.81
N GLY B 262 15.77 -0.06 32.72
CA GLY B 262 16.92 -0.92 32.44
C GLY B 262 18.18 -0.17 32.06
N ASP B 263 18.11 1.18 31.91
CA ASP B 263 19.25 2.00 31.52
C ASP B 263 20.30 2.17 32.62
N SER B 264 19.91 1.94 33.89
CA SER B 264 20.83 1.99 35.01
C SER B 264 21.12 0.56 35.50
N GLY B 265 21.07 -0.40 34.57
CA GLY B 265 21.35 -1.81 34.78
C GLY B 265 20.27 -2.68 35.41
N GLU B 266 19.04 -2.14 35.59
CA GLU B 266 17.89 -2.82 36.21
C GLU B 266 17.45 -4.11 35.53
N LEU B 267 17.81 -4.33 34.24
CA LEU B 267 17.38 -5.50 33.47
C LEU B 267 18.52 -6.43 33.03
N ASP B 268 19.76 -6.15 33.47
CA ASP B 268 20.99 -6.88 33.14
C ASP B 268 20.89 -8.40 33.22
N GLU B 269 20.13 -8.95 34.22
CA GLU B 269 19.98 -10.41 34.36
C GLU B 269 19.06 -11.04 33.31
N PHE B 270 18.38 -10.21 32.50
CA PHE B 270 17.43 -10.65 31.50
C PHE B 270 17.89 -10.46 30.09
N LEU B 271 18.84 -9.53 29.87
CA LEU B 271 19.36 -9.22 28.54
C LEU B 271 20.14 -10.37 27.90
N LEU B 272 19.83 -10.66 26.64
CA LEU B 272 20.45 -11.71 25.84
C LEU B 272 21.41 -11.06 24.84
N GLU B 273 22.23 -11.88 24.15
CA GLU B 273 23.22 -11.43 23.17
C GLU B 273 22.58 -10.55 22.07
N TYR B 274 21.39 -10.97 21.61
CA TYR B 274 20.60 -10.30 20.57
C TYR B 274 20.19 -8.89 21.03
N ASP B 275 19.88 -8.72 22.33
CA ASP B 275 19.51 -7.44 22.94
C ASP B 275 20.67 -6.48 22.98
N ARG B 276 21.86 -6.97 23.41
CA ARG B 276 23.08 -6.14 23.44
C ARG B 276 23.51 -5.76 22.02
N LEU B 277 23.29 -6.67 21.04
CA LEU B 277 23.62 -6.40 19.64
C LEU B 277 22.74 -5.30 19.04
N VAL B 278 21.39 -5.38 19.29
CA VAL B 278 20.41 -4.37 18.85
C VAL B 278 20.78 -3.03 19.47
N ASP B 279 21.07 -3.02 20.77
CA ASP B 279 21.46 -1.81 21.47
C ASP B 279 22.74 -1.16 20.89
N GLU B 280 23.84 -1.95 20.75
CA GLU B 280 25.14 -1.50 20.22
C GLU B 280 25.03 -0.84 18.84
N SER B 281 24.18 -1.41 17.97
CA SER B 281 23.96 -0.94 16.60
C SER B 281 22.80 0.07 16.45
N SER B 282 22.15 0.47 17.57
CA SER B 282 21.05 1.44 17.53
C SER B 282 21.56 2.88 17.45
N ALA B 283 20.63 3.83 17.23
CA ALA B 283 20.87 5.27 17.15
C ALA B 283 21.10 5.87 18.57
N ASN B 284 20.73 5.12 19.61
CA ASN B 284 20.83 5.54 21.00
C ASN B 284 21.38 4.40 21.88
N PRO B 285 22.66 3.95 21.66
CA PRO B 285 23.19 2.86 22.50
C PRO B 285 23.19 3.20 23.99
N GLY B 286 22.71 2.24 24.78
CA GLY B 286 22.58 2.35 26.22
C GLY B 286 21.28 3.00 26.66
N GLN B 287 20.47 3.47 25.69
CA GLN B 287 19.19 4.13 26.00
C GLN B 287 17.99 3.32 25.55
N GLN B 288 16.84 3.47 26.23
CA GLN B 288 15.56 2.83 25.90
C GLN B 288 15.67 1.31 25.84
N LEU B 289 16.32 0.70 26.84
CA LEU B 289 16.61 -0.74 26.86
C LEU B 289 15.37 -1.62 27.03
N TYR B 290 14.44 -1.24 27.93
CA TYR B 290 13.16 -1.94 28.15
C TYR B 290 12.36 -1.86 26.84
N GLU B 291 12.31 -0.67 26.23
CA GLU B 291 11.65 -0.45 24.95
C GLU B 291 12.23 -1.36 23.87
N LYS B 292 13.57 -1.52 23.86
CA LYS B 292 14.28 -2.33 22.88
C LYS B 292 13.92 -3.82 22.93
N LEU B 293 13.29 -4.27 24.03
CA LEU B 293 12.79 -5.63 24.22
C LEU B 293 11.36 -5.78 23.69
N ILE B 294 10.60 -4.66 23.57
CA ILE B 294 9.18 -4.70 23.20
C ILE B 294 8.84 -4.06 21.84
N GLY B 295 9.29 -2.81 21.63
CA GLY B 295 8.99 -1.98 20.46
C GLY B 295 9.15 -2.63 19.09
N GLY B 296 8.23 -2.26 18.18
CA GLY B 296 8.21 -2.67 16.79
C GLY B 296 9.40 -2.14 16.00
N LYS B 297 10.07 -1.08 16.50
CA LYS B 297 11.28 -0.59 15.84
C LYS B 297 12.38 -1.68 15.92
N TYR B 298 12.40 -2.44 17.04
CA TYR B 298 13.44 -3.43 17.39
C TYR B 298 13.08 -4.90 17.19
N MET B 299 11.79 -5.26 17.37
CA MET B 299 11.30 -6.63 17.29
C MET B 299 11.83 -7.43 16.11
N GLY B 300 11.71 -6.88 14.90
CA GLY B 300 12.13 -7.59 13.68
C GLY B 300 13.62 -7.89 13.65
N GLU B 301 14.41 -6.92 14.16
CA GLU B 301 15.86 -6.98 14.25
C GLU B 301 16.31 -8.07 15.23
N LEU B 302 15.59 -8.23 16.37
CA LEU B 302 15.87 -9.30 17.33
C LEU B 302 15.72 -10.66 16.66
N VAL B 303 14.68 -10.82 15.83
CA VAL B 303 14.37 -12.05 15.08
C VAL B 303 15.48 -12.34 14.07
N ARG B 304 15.91 -11.33 13.32
CA ARG B 304 16.98 -11.46 12.33
C ARG B 304 18.28 -11.97 12.96
N LEU B 305 18.58 -11.49 14.18
CA LEU B 305 19.78 -11.87 14.92
C LEU B 305 19.67 -13.29 15.47
N VAL B 306 18.45 -13.72 15.85
CA VAL B 306 18.17 -15.07 16.34
C VAL B 306 18.32 -16.04 15.16
N LEU B 307 17.78 -15.66 13.98
CA LEU B 307 17.84 -16.46 12.76
C LEU B 307 19.27 -16.64 12.26
N LEU B 308 20.11 -15.56 12.27
CA LEU B 308 21.51 -15.63 11.85
C LEU B 308 22.30 -16.55 12.78
N ARG B 309 21.94 -16.59 14.09
CA ARG B 309 22.56 -17.46 15.10
C ARG B 309 22.18 -18.90 14.81
N LEU B 310 20.92 -19.14 14.39
CA LEU B 310 20.43 -20.48 14.04
C LEU B 310 21.15 -21.00 12.76
N VAL B 311 21.48 -20.08 11.81
CA VAL B 311 22.23 -20.37 10.60
C VAL B 311 23.72 -20.64 10.94
N ASP B 312 24.33 -19.81 11.83
CA ASP B 312 25.73 -19.89 12.29
C ASP B 312 26.02 -21.13 13.21
N GLU B 313 25.04 -22.03 13.38
CA GLU B 313 25.12 -23.27 14.16
C GLU B 313 24.57 -24.42 13.27
N ASN B 314 24.54 -24.16 11.93
CA ASN B 314 24.03 -25.03 10.87
C ASN B 314 22.70 -25.72 11.26
N LEU B 315 21.87 -25.00 12.05
CA LEU B 315 20.56 -25.47 12.54
C LEU B 315 19.41 -24.94 11.66
N LEU B 316 19.69 -23.93 10.79
CA LEU B 316 18.69 -23.34 9.90
C LEU B 316 19.25 -22.95 8.55
N PHE B 317 18.45 -23.22 7.47
CA PHE B 317 18.77 -22.96 6.05
C PHE B 317 20.10 -23.62 5.60
N HIS B 318 20.41 -24.80 6.16
CA HIS B 318 21.64 -25.58 5.91
C HIS B 318 22.94 -24.73 6.09
N GLY B 319 22.92 -23.86 7.11
CA GLY B 319 24.02 -22.95 7.44
C GLY B 319 24.33 -21.88 6.40
N GLU B 320 23.48 -21.72 5.40
CA GLU B 320 23.68 -20.74 4.34
C GLU B 320 22.69 -19.55 4.42
N ALA B 321 23.19 -18.41 4.94
CA ALA B 321 22.42 -17.17 5.06
C ALA B 321 22.64 -16.31 3.82
N SER B 322 21.63 -15.54 3.44
CA SER B 322 21.70 -14.68 2.27
C SER B 322 22.29 -13.33 2.62
N GLU B 323 22.74 -12.58 1.60
CA GLU B 323 23.26 -11.20 1.75
C GLU B 323 22.18 -10.29 2.35
N GLN B 324 20.89 -10.58 2.03
CA GLN B 324 19.71 -9.86 2.52
C GLN B 324 19.48 -10.14 4.00
N LEU B 325 19.57 -11.42 4.43
CA LEU B 325 19.41 -11.80 5.85
C LEU B 325 20.52 -11.22 6.74
N ARG B 326 21.71 -11.00 6.16
CA ARG B 326 22.87 -10.45 6.86
C ARG B 326 22.82 -8.90 6.99
N THR B 327 21.88 -8.24 6.26
CA THR B 327 21.69 -6.77 6.28
C THR B 327 20.80 -6.33 7.45
N ARG B 328 21.25 -5.34 8.24
CA ARG B 328 20.48 -4.79 9.37
C ARG B 328 19.13 -4.27 8.89
N GLY B 329 18.09 -4.60 9.64
CA GLY B 329 16.71 -4.19 9.38
C GLY B 329 16.01 -4.89 8.22
N ALA B 330 16.65 -5.92 7.61
CA ALA B 330 16.06 -6.67 6.50
C ALA B 330 14.87 -7.52 6.91
N PHE B 331 14.82 -7.94 8.21
CA PHE B 331 13.70 -8.68 8.78
C PHE B 331 12.77 -7.65 9.45
N GLU B 332 11.79 -7.15 8.68
CA GLU B 332 10.86 -6.11 9.13
C GLU B 332 9.94 -6.65 10.23
N THR B 333 9.54 -5.81 11.22
CA THR B 333 8.59 -6.25 12.28
C THR B 333 7.26 -6.71 11.64
N ARG B 334 6.93 -6.21 10.45
CA ARG B 334 5.73 -6.63 9.74
C ARG B 334 5.82 -8.14 9.40
N PHE B 335 7.06 -8.63 9.06
CA PHE B 335 7.33 -10.03 8.74
C PHE B 335 7.07 -10.93 9.93
N VAL B 336 7.39 -10.46 11.15
CA VAL B 336 7.16 -11.17 12.43
C VAL B 336 5.65 -11.40 12.61
N SER B 337 4.83 -10.36 12.31
CA SER B 337 3.37 -10.44 12.38
C SER B 337 2.85 -11.39 11.32
N GLN B 338 3.30 -11.21 10.06
CA GLN B 338 2.90 -12.06 8.94
C GLN B 338 3.22 -13.52 9.20
N VAL B 339 4.45 -13.81 9.72
CA VAL B 339 4.90 -15.17 10.05
C VAL B 339 3.96 -15.81 11.08
N GLU B 340 3.57 -15.06 12.10
CA GLU B 340 2.68 -15.58 13.15
C GLU B 340 1.20 -15.60 12.73
N SER B 341 0.87 -15.02 11.54
CA SER B 341 -0.47 -15.01 10.95
C SER B 341 -0.68 -16.27 10.15
N ASP B 342 0.42 -16.86 9.62
CA ASP B 342 0.43 -18.08 8.79
C ASP B 342 -0.59 -19.16 9.26
N THR B 343 -1.50 -19.54 8.32
CA THR B 343 -2.61 -20.48 8.50
C THR B 343 -2.17 -21.86 8.95
N GLY B 344 -1.05 -22.34 8.40
CA GLY B 344 -0.48 -23.65 8.70
C GLY B 344 0.22 -24.25 7.50
N ASP B 345 -0.13 -23.77 6.30
CA ASP B 345 0.44 -24.21 5.02
C ASP B 345 1.90 -23.75 4.84
N ARG B 346 2.36 -22.77 5.66
CA ARG B 346 3.72 -22.19 5.66
C ARG B 346 4.02 -21.34 4.40
N LYS B 347 3.00 -21.07 3.59
CA LYS B 347 3.10 -20.29 2.35
C LYS B 347 3.52 -18.84 2.62
N GLN B 348 2.93 -18.19 3.65
CA GLN B 348 3.30 -16.83 4.04
C GLN B 348 4.78 -16.80 4.42
N ILE B 349 5.21 -17.74 5.31
CA ILE B 349 6.60 -17.87 5.78
C ILE B 349 7.55 -18.12 4.61
N TYR B 350 7.24 -19.10 3.73
CA TYR B 350 8.09 -19.43 2.58
C TYR B 350 8.36 -18.21 1.68
N ASN B 351 7.30 -17.44 1.37
CA ASN B 351 7.36 -16.26 0.52
C ASN B 351 8.22 -15.13 1.09
N ILE B 352 8.18 -14.91 2.43
CA ILE B 352 9.00 -13.87 3.09
C ILE B 352 10.48 -14.25 2.91
N LEU B 353 10.81 -15.49 3.27
CA LEU B 353 12.15 -16.06 3.22
C LEU B 353 12.70 -16.13 1.79
N SER B 354 11.85 -16.49 0.79
CA SER B 354 12.24 -16.53 -0.64
C SER B 354 12.65 -15.14 -1.14
N THR B 355 11.85 -14.10 -0.82
CA THR B 355 12.15 -12.71 -1.17
C THR B 355 13.45 -12.24 -0.49
N LEU B 356 13.70 -12.72 0.74
CA LEU B 356 14.90 -12.41 1.51
C LEU B 356 16.16 -13.14 0.96
N GLY B 357 16.02 -13.80 -0.18
CA GLY B 357 17.10 -14.52 -0.87
C GLY B 357 17.43 -15.88 -0.33
N LEU B 358 16.46 -16.52 0.36
CA LEU B 358 16.68 -17.85 0.94
C LEU B 358 15.80 -18.91 0.26
N ARG B 359 16.22 -20.18 0.30
CA ARG B 359 15.49 -21.31 -0.25
C ARG B 359 15.17 -22.22 0.97
N PRO B 360 14.08 -21.91 1.72
CA PRO B 360 13.82 -22.68 2.95
C PRO B 360 13.06 -23.97 2.78
N SER B 361 13.27 -24.87 3.73
CA SER B 361 12.57 -26.16 3.80
C SER B 361 11.30 -25.89 4.61
N THR B 362 10.45 -26.91 4.77
CA THR B 362 9.22 -26.78 5.56
C THR B 362 9.60 -26.65 7.04
N THR B 363 10.66 -27.36 7.46
CA THR B 363 11.17 -27.35 8.83
C THR B 363 11.74 -25.98 9.14
N ASP B 364 12.48 -25.39 8.17
CA ASP B 364 13.06 -24.04 8.28
C ASP B 364 11.96 -22.99 8.55
N CYS B 365 10.79 -23.13 7.89
CA CYS B 365 9.61 -22.27 8.04
C CYS B 365 9.09 -22.33 9.47
N ASP B 366 8.94 -23.55 10.01
CA ASP B 366 8.47 -23.83 11.38
C ASP B 366 9.44 -23.28 12.42
N ILE B 367 10.74 -23.27 12.10
CA ILE B 367 11.81 -22.74 12.97
C ILE B 367 11.68 -21.21 13.03
N VAL B 368 11.49 -20.57 11.85
CA VAL B 368 11.32 -19.11 11.71
C VAL B 368 10.10 -18.67 12.56
N ARG B 369 8.99 -19.40 12.45
CA ARG B 369 7.76 -19.15 13.21
C ARG B 369 7.99 -19.21 14.72
N ARG B 370 8.73 -20.23 15.21
CA ARG B 370 9.03 -20.43 16.62
C ARG B 370 9.93 -19.32 17.17
N ALA B 371 10.88 -18.82 16.35
CA ALA B 371 11.76 -17.72 16.73
C ALA B 371 10.94 -16.42 16.88
N CYS B 372 10.04 -16.13 15.90
CA CYS B 372 9.11 -15.00 15.91
C CYS B 372 8.27 -15.00 17.19
N GLU B 373 7.70 -16.18 17.51
CA GLU B 373 6.89 -16.41 18.69
C GLU B 373 7.66 -16.20 19.97
N SER B 374 8.95 -16.61 20.01
CA SER B 374 9.82 -16.44 21.18
C SER B 374 10.07 -14.97 21.49
N VAL B 375 10.36 -14.16 20.46
CA VAL B 375 10.63 -12.72 20.59
C VAL B 375 9.34 -11.95 21.00
N SER B 376 8.21 -12.19 20.30
CA SER B 376 6.94 -11.51 20.59
C SER B 376 6.34 -11.89 21.95
N THR B 377 6.48 -13.18 22.39
CA THR B 377 5.99 -13.64 23.70
C THR B 377 6.79 -12.96 24.81
N ARG B 378 8.11 -12.83 24.61
CA ARG B 378 8.93 -12.14 25.58
C ARG B 378 8.54 -10.65 25.68
N ALA B 379 8.25 -10.01 24.51
CA ALA B 379 7.80 -8.61 24.42
C ALA B 379 6.52 -8.39 25.23
N ALA B 380 5.50 -9.26 25.00
CA ALA B 380 4.21 -9.24 25.72
C ALA B 380 4.36 -9.46 27.22
N HIS B 381 5.28 -10.37 27.63
CA HIS B 381 5.57 -10.64 29.05
C HIS B 381 6.31 -9.51 29.73
N MET B 382 7.30 -8.97 29.06
CA MET B 382 8.07 -7.84 29.58
C MET B 382 7.18 -6.64 29.74
N CYS B 383 6.32 -6.38 28.74
CA CYS B 383 5.36 -5.30 28.74
C CYS B 383 4.37 -5.40 29.88
N SER B 384 3.82 -6.62 30.08
CA SER B 384 2.86 -6.92 31.15
C SER B 384 3.42 -6.62 32.57
N ALA B 385 4.73 -6.85 32.79
CA ALA B 385 5.39 -6.59 34.07
C ALA B 385 5.44 -5.07 34.39
N GLY B 386 5.66 -4.25 33.37
CA GLY B 386 5.64 -2.79 33.50
C GLY B 386 4.24 -2.31 33.80
N LEU B 387 3.22 -2.76 33.01
CA LEU B 387 1.83 -2.35 33.23
C LEU B 387 1.28 -2.82 34.60
N ALA B 388 1.60 -4.05 35.02
CA ALA B 388 1.21 -4.56 36.34
C ALA B 388 1.87 -3.70 37.43
N GLY B 389 3.09 -3.23 37.17
CA GLY B 389 3.84 -2.37 38.08
C GLY B 389 3.10 -1.10 38.40
N VAL B 390 2.58 -0.45 37.34
CA VAL B 390 1.79 0.77 37.32
C VAL B 390 0.46 0.55 38.02
N ILE B 391 -0.31 -0.49 37.60
CA ILE B 391 -1.64 -0.80 38.18
C ILE B 391 -1.55 -1.13 39.70
N ASN B 392 -0.58 -1.95 40.08
CA ASN B 392 -0.38 -2.30 41.48
C ASN B 392 0.02 -1.10 42.32
N ARG B 393 0.88 -0.23 41.75
CA ARG B 393 1.28 1.02 42.41
C ARG B 393 0.04 1.88 42.66
N MET B 394 -0.84 2.03 41.64
CA MET B 394 -2.06 2.83 41.74
C MET B 394 -3.02 2.28 42.78
N ARG B 395 -3.17 0.95 42.83
CA ARG B 395 -4.05 0.27 43.78
C ARG B 395 -3.67 0.63 45.23
N GLU B 396 -2.35 0.63 45.51
CA GLU B 396 -1.75 0.98 46.80
C GLU B 396 -2.02 2.44 47.12
N SER B 397 -1.67 3.35 46.19
CA SER B 397 -1.85 4.81 46.30
C SER B 397 -3.32 5.22 46.52
N ARG B 398 -4.26 4.44 45.97
CA ARG B 398 -5.68 4.72 46.08
C ARG B 398 -6.34 3.95 47.23
N SER B 399 -5.55 3.11 47.93
CA SER B 399 -5.99 2.25 49.04
C SER B 399 -7.26 1.43 48.67
N GLU B 400 -7.37 1.01 47.39
CA GLU B 400 -8.50 0.27 46.87
C GLU B 400 -8.23 -1.23 46.95
N ASP B 401 -9.07 -1.95 47.71
CA ASP B 401 -8.98 -3.41 47.89
C ASP B 401 -9.26 -4.08 46.55
N VAL B 402 -10.33 -3.67 45.86
CA VAL B 402 -10.64 -4.13 44.52
C VAL B 402 -10.61 -2.88 43.65
N MET B 403 -9.56 -2.74 42.81
CA MET B 403 -9.47 -1.60 41.90
C MET B 403 -9.93 -1.99 40.52
N ARG B 404 -10.94 -1.28 40.02
CA ARG B 404 -11.53 -1.46 38.71
C ARG B 404 -11.00 -0.31 37.84
N ILE B 405 -10.12 -0.64 36.89
CA ILE B 405 -9.49 0.37 36.04
C ILE B 405 -9.56 0.02 34.56
N THR B 406 -9.52 1.06 33.73
CA THR B 406 -9.45 0.95 32.29
C THR B 406 -8.09 1.49 31.79
N VAL B 407 -7.49 0.74 30.86
CA VAL B 407 -6.24 1.07 30.21
C VAL B 407 -6.56 1.28 28.73
N GLY B 408 -6.24 2.48 28.23
CA GLY B 408 -6.37 2.84 26.83
C GLY B 408 -5.07 2.52 26.13
N VAL B 409 -5.14 1.74 25.04
CA VAL B 409 -3.94 1.29 24.34
C VAL B 409 -3.92 1.62 22.87
N ASP B 410 -2.78 2.11 22.38
CA ASP B 410 -2.59 2.41 20.96
C ASP B 410 -1.25 1.79 20.54
N GLY B 411 -0.99 1.75 19.25
CA GLY B 411 0.24 1.19 18.71
C GLY B 411 0.00 -0.06 17.89
N SER B 412 0.78 -0.22 16.81
CA SER B 412 0.73 -1.30 15.84
C SER B 412 1.10 -2.69 16.40
N VAL B 413 1.94 -2.76 17.44
CA VAL B 413 2.30 -4.07 17.99
C VAL B 413 1.06 -4.63 18.68
N TYR B 414 0.53 -3.90 19.65
CA TYR B 414 -0.69 -4.27 20.36
C TYR B 414 -1.91 -4.53 19.43
N LYS B 415 -2.13 -3.67 18.42
CA LYS B 415 -3.27 -3.77 17.51
C LYS B 415 -3.17 -4.84 16.44
N LEU B 416 -1.99 -4.95 15.79
CA LEU B 416 -1.84 -5.80 14.62
C LEU B 416 -1.09 -7.11 14.83
N HIS B 417 -0.33 -7.29 15.94
CA HIS B 417 0.39 -8.54 16.11
C HIS B 417 -0.57 -9.72 16.42
N PRO B 418 -0.49 -10.87 15.71
CA PRO B 418 -1.48 -11.96 15.89
C PRO B 418 -1.84 -12.39 17.29
N SER B 419 -0.87 -12.47 18.21
CA SER B 419 -1.27 -12.97 19.52
C SER B 419 -0.81 -12.12 20.70
N PHE B 420 -0.11 -11.00 20.41
CA PHE B 420 0.47 -10.10 21.41
C PHE B 420 -0.53 -9.70 22.49
N LYS B 421 -1.71 -9.28 22.03
CA LYS B 421 -2.84 -8.81 22.84
C LYS B 421 -3.29 -9.87 23.83
N GLU B 422 -3.62 -11.07 23.35
CA GLU B 422 -4.05 -12.17 24.23
C GLU B 422 -3.03 -12.46 25.30
N ARG B 423 -1.77 -12.74 24.90
CA ARG B 423 -0.63 -13.06 25.78
C ARG B 423 -0.38 -11.97 26.79
N PHE B 424 -0.53 -10.69 26.36
CA PHE B 424 -0.30 -9.51 27.22
C PHE B 424 -1.36 -9.39 28.31
N HIS B 425 -2.65 -9.54 27.92
CA HIS B 425 -3.81 -9.43 28.81
C HIS B 425 -3.75 -10.47 29.93
N ALA B 426 -3.54 -11.76 29.54
CA ALA B 426 -3.39 -12.92 30.44
C ALA B 426 -2.27 -12.72 31.47
N SER B 427 -1.08 -12.31 31.00
CA SER B 427 0.08 -12.07 31.84
C SER B 427 -0.11 -10.89 32.79
N VAL B 428 -0.81 -9.80 32.33
CA VAL B 428 -1.11 -8.61 33.19
C VAL B 428 -2.04 -9.05 34.34
N ARG B 429 -3.10 -9.80 34.01
CA ARG B 429 -4.14 -10.25 34.94
C ARG B 429 -3.59 -11.16 36.03
N ARG B 430 -2.69 -12.11 35.68
CA ARG B 430 -1.98 -12.98 36.62
C ARG B 430 -1.18 -12.15 37.62
N LEU B 431 -0.63 -11.01 37.16
CA LEU B 431 0.21 -10.09 37.95
C LEU B 431 -0.55 -8.98 38.67
N THR B 432 -1.86 -8.92 38.51
CA THR B 432 -2.66 -7.85 39.16
C THR B 432 -3.78 -8.55 39.91
N PRO B 433 -3.48 -9.36 40.98
CA PRO B 433 -4.54 -10.18 41.58
C PRO B 433 -5.81 -9.45 42.01
N SER B 434 -5.71 -8.32 42.72
CA SER B 434 -6.92 -7.67 43.24
C SER B 434 -7.47 -6.52 42.37
N CYS B 435 -7.27 -6.62 41.01
CA CYS B 435 -7.67 -5.61 40.01
C CYS B 435 -8.56 -6.16 38.91
N GLU B 436 -9.58 -5.37 38.51
CA GLU B 436 -10.47 -5.70 37.39
C GLU B 436 -10.12 -4.69 36.28
N ILE B 437 -9.28 -5.14 35.34
CA ILE B 437 -8.76 -4.33 34.24
C ILE B 437 -9.53 -4.52 32.97
N THR B 438 -9.97 -3.38 32.38
CA THR B 438 -10.63 -3.34 31.08
C THR B 438 -9.60 -2.71 30.15
N PHE B 439 -9.42 -3.28 28.96
CA PHE B 439 -8.50 -2.74 27.96
C PHE B 439 -9.34 -2.17 26.85
N ILE B 440 -9.05 -0.93 26.46
CA ILE B 440 -9.69 -0.31 25.30
C ILE B 440 -8.61 -0.18 24.25
N GLU B 441 -8.87 -0.77 23.07
CA GLU B 441 -8.01 -0.62 21.93
C GLU B 441 -8.41 0.72 21.30
N SER B 442 -7.52 1.71 21.43
CA SER B 442 -7.74 3.05 20.92
C SER B 442 -7.48 3.08 19.42
N GLU B 443 -8.51 3.40 18.65
CA GLU B 443 -8.39 3.48 17.20
C GLU B 443 -7.54 4.66 16.72
N GLU B 444 -7.76 5.85 17.26
CA GLU B 444 -7.08 7.08 16.84
C GLU B 444 -6.65 7.93 18.04
N GLY B 445 -6.54 7.30 19.20
CA GLY B 445 -6.24 7.95 20.46
C GLY B 445 -5.10 8.93 20.45
N SER B 446 -3.93 8.50 19.92
CA SER B 446 -2.73 9.35 19.82
C SER B 446 -2.99 10.70 19.19
N GLY B 447 -3.80 10.74 18.14
CA GLY B 447 -4.19 11.99 17.52
C GLY B 447 -5.41 12.62 18.17
N ARG B 448 -6.47 11.86 18.39
CA ARG B 448 -7.72 12.46 18.91
C ARG B 448 -7.59 13.10 20.30
N GLY B 449 -6.81 12.50 21.18
CA GLY B 449 -6.60 13.01 22.53
C GLY B 449 -5.93 14.37 22.63
N ALA B 450 -5.09 14.74 21.62
CA ALA B 450 -4.41 16.04 21.54
C ALA B 450 -5.45 17.16 21.31
N ALA B 451 -6.48 16.86 20.53
CA ALA B 451 -7.55 17.80 20.28
C ALA B 451 -8.48 17.90 21.51
N LEU B 452 -8.77 16.77 22.19
CA LEU B 452 -9.65 16.76 23.36
C LEU B 452 -9.01 17.45 24.56
N VAL B 453 -7.69 17.33 24.74
CA VAL B 453 -6.99 18.05 25.83
C VAL B 453 -7.09 19.58 25.51
N SER B 454 -7.01 19.95 24.21
CA SER B 454 -7.11 21.33 23.76
C SER B 454 -8.51 21.85 24.03
N ALA B 455 -9.53 21.03 23.76
CA ALA B 455 -10.94 21.36 24.01
C ALA B 455 -11.21 21.59 25.50
N VAL B 456 -10.57 20.80 26.37
CA VAL B 456 -10.68 20.94 27.82
C VAL B 456 -9.86 22.14 28.32
N ALA B 457 -8.63 22.33 27.82
CA ALA B 457 -7.75 23.44 28.19
C ALA B 457 -8.29 24.80 27.76
N CYS B 458 -9.06 24.87 26.67
CA CYS B 458 -9.57 26.11 26.09
C CYS B 458 -10.59 26.88 26.95
N LYS B 459 -11.13 26.28 28.03
CA LYS B 459 -12.03 26.98 28.95
C LYS B 459 -11.25 28.17 29.58
N LYS B 460 -10.04 27.89 30.11
CA LYS B 460 -9.20 28.92 30.73
C LYS B 460 -8.28 29.68 29.72
N ALA B 461 -7.73 28.96 28.69
CA ALA B 461 -6.78 29.51 27.69
C ALA B 461 -7.35 30.60 26.76
N CYS B 462 -8.52 30.32 26.15
CA CYS B 462 -9.19 31.24 25.21
C CYS B 462 -9.79 32.48 25.91
N MET B 463 -9.76 32.49 27.27
CA MET B 463 -10.26 33.60 28.12
C MET B 463 -9.10 34.29 28.87
#